data_3OV7
#
_entry.id   3OV7
#
_cell.length_a   111.393
_cell.length_b   216.095
_cell.length_c   58.160
_cell.angle_alpha   90.00
_cell.angle_beta   90.00
_cell.angle_gamma   90.00
#
_symmetry.space_group_name_H-M   'P 21 21 2'
#
loop_
_entity.id
_entity.type
_entity.pdbx_description
1 polymer 'CCA-Adding Enzyme'
2 polymer 'RNA (34-MER)'
3 non-polymer "ADENOSINE-5'-TRIPHOSPHATE"
4 non-polymer 'SULFATE ION'
5 non-polymer 'MANGANESE (II) ION'
6 non-polymer 1,2-ETHANEDIOL
7 water water
#
loop_
_entity_poly.entity_id
_entity_poly.type
_entity_poly.pdbx_seq_one_letter_code
_entity_poly.pdbx_strand_id
1 'polypeptide(L)'
;MKVEEILEKALELVIPDEEEVRKGREAEEELRRRLDELGVEYVFVGSYARNTWLKGSLEIDVFLLFPEEFSKEELRERGL
EIGKAVLDSYEIRYAEHPYVHGVVKGVEVDVVPCYKLKEPKNIKSAVDRTPFHHKWLEGRIKGKENEVRLLKGFLKANGI
YGAEYKVRGFSGYLCELLIVFYGSFLETVKNARRWTRRTVIDVAKGEVRKGEEFFVVDPVDEKRNVAANLSLDNLARFVH
LCREFMEAPSLGFFKPKHPLEIEPERLRKIVEERGTAVFAVKFRKPDIVDDNLYPQLERASRKIFEFLERENFMPLRSAF
KASEEFCYLLFECQIKEISRVFRRMGPQFEDERNVKKFLSRNRAFRPFIENGRWWAFEMRKFTTPEEGVRSYASTHWHTL
GKNVGESIREYFEIISGEKLFKEPVTAELCEMMGVKDCCCM
;
A,B
2 'polyribonucleotide' GGAAGUAGAUGGUUCAAGUCCAUUUACUUCCACC C,D
#
# COMPACT_ATOMS: atom_id res chain seq x y z
N MET A 1 -16.81 1.55 -44.83
CA MET A 1 -16.84 0.72 -46.07
C MET A 1 -16.77 -0.77 -45.72
N LYS A 2 -17.15 -1.63 -46.67
CA LYS A 2 -16.92 -3.08 -46.55
C LYS A 2 -15.44 -3.38 -46.37
N VAL A 3 -15.14 -4.40 -45.57
CA VAL A 3 -13.75 -4.77 -45.26
C VAL A 3 -12.92 -5.10 -46.51
N GLU A 4 -13.54 -5.73 -47.50
CA GLU A 4 -12.86 -6.10 -48.74
C GLU A 4 -12.32 -4.89 -49.50
N GLU A 5 -13.06 -3.78 -49.49
CA GLU A 5 -12.64 -2.57 -50.19
C GLU A 5 -11.58 -1.82 -49.41
N ILE A 6 -11.69 -1.86 -48.08
CA ILE A 6 -10.69 -1.27 -47.20
C ILE A 6 -9.33 -1.91 -47.46
N LEU A 7 -9.32 -3.22 -47.72
CA LEU A 7 -8.09 -3.96 -48.00
C LEU A 7 -7.52 -3.71 -49.39
N GLU A 8 -8.37 -3.59 -50.42
CA GLU A 8 -7.87 -3.21 -51.73
C GLU A 8 -7.15 -1.87 -51.70
N LYS A 9 -7.73 -0.90 -50.99
CA LYS A 9 -7.11 0.41 -50.83
C LYS A 9 -5.85 0.34 -49.97
N ALA A 10 -5.78 -0.62 -49.05
CA ALA A 10 -4.61 -0.80 -48.22
C ALA A 10 -3.43 -1.37 -49.01
N LEU A 11 -3.73 -2.08 -50.08
CA LEU A 11 -2.70 -2.69 -50.91
C LEU A 11 -1.83 -1.62 -51.59
N GLU A 12 -2.41 -0.48 -51.92
CA GLU A 12 -1.60 0.63 -52.46
C GLU A 12 -0.63 1.20 -51.42
N LEU A 13 -0.84 0.87 -50.15
CA LEU A 13 0.05 1.33 -49.10
C LEU A 13 1.18 0.37 -48.85
N VAL A 14 1.04 -0.89 -49.27
CA VAL A 14 1.97 -1.94 -48.83
C VAL A 14 2.70 -2.69 -49.96
N ILE A 15 2.29 -2.47 -51.20
CA ILE A 15 2.93 -3.15 -52.32
C ILE A 15 3.98 -2.25 -52.99
N PRO A 16 5.24 -2.69 -52.99
CA PRO A 16 6.26 -1.96 -53.74
C PRO A 16 5.80 -1.75 -55.18
N ASP A 17 6.05 -0.58 -55.73
CA ASP A 17 5.74 -0.35 -57.13
C ASP A 17 6.93 -0.68 -57.99
N GLU A 18 6.74 -0.67 -59.30
CA GLU A 18 7.78 -1.12 -60.24
C GLU A 18 9.03 -0.24 -60.31
N GLU A 19 8.92 0.99 -59.81
CA GLU A 19 10.08 1.84 -59.52
C GLU A 19 11.08 1.09 -58.64
N GLU A 20 10.56 0.58 -57.52
CA GLU A 20 11.33 0.00 -56.43
C GLU A 20 11.77 -1.44 -56.73
N VAL A 21 10.90 -2.20 -57.40
CA VAL A 21 11.20 -3.57 -57.78
C VAL A 21 12.38 -3.58 -58.77
N ARG A 22 12.28 -2.75 -59.80
CA ARG A 22 13.36 -2.59 -60.77
C ARG A 22 14.68 -2.32 -60.07
N LYS A 23 14.64 -1.35 -59.17
CA LYS A 23 15.81 -0.92 -58.40
C LYS A 23 16.38 -2.10 -57.59
N GLY A 24 15.52 -3.05 -57.20
CA GLY A 24 15.93 -4.25 -56.48
C GLY A 24 16.47 -5.38 -57.35
N ARG A 25 15.79 -5.67 -58.45
CA ARG A 25 16.26 -6.66 -59.42
C ARG A 25 17.68 -6.35 -59.89
N GLU A 26 17.92 -5.12 -60.35
CA GLU A 26 19.26 -4.77 -60.83
C GLU A 26 20.27 -4.60 -59.71
N ALA A 27 19.78 -4.50 -58.48
CA ALA A 27 20.67 -4.55 -57.31
C ALA A 27 21.01 -6.00 -57.06
N GLU A 28 20.07 -6.88 -57.34
CA GLU A 28 20.25 -8.32 -57.17
C GLU A 28 21.26 -8.84 -58.20
N GLU A 29 21.09 -8.44 -59.46
CA GLU A 29 22.01 -8.83 -60.52
C GLU A 29 23.44 -8.42 -60.24
N GLU A 30 23.63 -7.21 -59.70
CA GLU A 30 24.97 -6.73 -59.44
C GLU A 30 25.62 -7.51 -58.32
N LEU A 31 24.83 -7.77 -57.28
CA LEU A 31 25.30 -8.45 -56.09
C LEU A 31 25.76 -9.86 -56.47
N ARG A 32 24.96 -10.52 -57.29
CA ARG A 32 25.34 -11.83 -57.86
C ARG A 32 26.59 -11.83 -58.71
N ARG A 33 26.75 -10.86 -59.61
CA ARG A 33 27.95 -10.81 -60.45
C ARG A 33 29.19 -10.69 -59.59
N ARG A 34 29.06 -10.00 -58.47
CA ARG A 34 30.18 -9.72 -57.59
C ARG A 34 30.54 -10.95 -56.79
N LEU A 35 29.51 -11.56 -56.19
CA LEU A 35 29.66 -12.75 -55.38
C LEU A 35 30.13 -13.95 -56.21
N ASP A 36 29.61 -14.08 -57.41
CA ASP A 36 30.09 -15.13 -58.30
C ASP A 36 31.55 -14.95 -58.62
N GLU A 37 31.95 -13.73 -58.97
CA GLU A 37 33.33 -13.43 -59.25
C GLU A 37 34.19 -13.89 -58.10
N LEU A 38 33.62 -13.85 -56.89
CA LEU A 38 34.30 -14.24 -55.67
C LEU A 38 34.21 -15.73 -55.37
N GLY A 39 33.50 -16.47 -56.21
CA GLY A 39 33.33 -17.91 -56.07
C GLY A 39 32.98 -18.40 -54.69
N VAL A 40 32.03 -17.76 -54.01
CA VAL A 40 31.67 -18.17 -52.64
C VAL A 40 30.24 -18.71 -52.56
N GLU A 41 30.02 -19.66 -51.65
CA GLU A 41 28.70 -20.22 -51.38
C GLU A 41 27.82 -19.18 -50.73
N TYR A 42 26.72 -18.83 -51.37
CA TYR A 42 25.79 -17.87 -50.81
C TYR A 42 24.35 -18.20 -51.18
N VAL A 43 23.40 -17.55 -50.54
CA VAL A 43 21.99 -17.79 -50.83
C VAL A 43 21.19 -16.56 -50.43
N PHE A 44 20.30 -16.12 -51.31
CA PHE A 44 19.35 -15.06 -50.99
C PHE A 44 18.24 -15.61 -50.08
N VAL A 45 18.11 -14.98 -48.93
CA VAL A 45 17.05 -15.33 -47.98
C VAL A 45 16.17 -14.10 -47.74
N GLY A 46 15.27 -14.13 -46.76
CA GLY A 46 14.55 -12.94 -46.36
C GLY A 46 13.44 -12.49 -47.30
N SER A 47 12.80 -11.39 -46.93
CA SER A 47 11.64 -10.87 -47.61
C SER A 47 11.84 -10.58 -49.10
N TYR A 48 13.06 -10.23 -49.50
CA TYR A 48 13.33 -9.89 -50.89
C TYR A 48 13.25 -11.14 -51.73
N ALA A 49 13.87 -12.19 -51.22
CA ALA A 49 13.91 -13.46 -51.92
C ALA A 49 12.55 -14.15 -51.94
N ARG A 50 11.64 -13.77 -51.06
CA ARG A 50 10.30 -14.35 -51.13
C ARG A 50 9.24 -13.34 -51.57
N ASN A 51 9.69 -12.16 -51.98
CA ASN A 51 8.81 -11.05 -52.40
C ASN A 51 7.75 -10.72 -51.38
N THR A 52 8.11 -10.75 -50.10
CA THR A 52 7.18 -10.38 -49.04
C THR A 52 7.63 -9.09 -48.33
N TRP A 53 8.34 -8.22 -49.05
CA TRP A 53 8.82 -6.94 -48.48
C TRP A 53 7.80 -5.84 -48.66
N LEU A 54 7.78 -4.85 -47.76
CA LEU A 54 6.84 -3.70 -47.88
C LEU A 54 7.34 -2.60 -48.78
N LYS A 55 6.38 -1.92 -49.39
CA LYS A 55 6.64 -0.70 -50.15
C LYS A 55 7.55 0.22 -49.34
N GLY A 56 8.61 0.70 -49.97
CA GLY A 56 9.52 1.66 -49.37
C GLY A 56 10.35 1.14 -48.22
N SER A 57 10.45 -0.18 -48.09
CA SER A 57 11.19 -0.77 -46.99
C SER A 57 12.09 -1.91 -47.47
N LEU A 58 12.69 -1.74 -48.65
CA LEU A 58 13.48 -2.80 -49.28
C LEU A 58 14.85 -3.01 -48.63
N GLU A 59 15.13 -4.25 -48.21
CA GLU A 59 16.46 -4.66 -47.78
C GLU A 59 16.75 -6.09 -48.24
N ILE A 60 17.80 -6.27 -49.03
CA ILE A 60 18.16 -7.59 -49.54
C ILE A 60 19.02 -8.32 -48.52
N ASP A 61 18.79 -9.61 -48.37
CA ASP A 61 19.56 -10.44 -47.45
C ASP A 61 20.41 -11.48 -48.18
N VAL A 62 21.73 -11.30 -48.15
CA VAL A 62 22.64 -12.30 -48.69
C VAL A 62 23.28 -13.09 -47.56
N PHE A 63 23.07 -14.40 -47.57
CA PHE A 63 23.74 -15.27 -46.62
C PHE A 63 24.92 -15.96 -47.26
N LEU A 64 26.05 -15.97 -46.57
CA LEU A 64 27.25 -16.68 -46.98
C LEU A 64 27.36 -17.92 -46.13
N LEU A 65 27.49 -19.07 -46.79
CA LEU A 65 27.52 -20.35 -46.11
C LEU A 65 28.93 -20.85 -45.92
N PHE A 66 29.41 -20.81 -44.68
CA PHE A 66 30.75 -21.28 -44.34
C PHE A 66 30.70 -22.71 -43.80
N PRO A 67 31.85 -23.42 -43.85
CA PRO A 67 31.90 -24.79 -43.33
C PRO A 67 31.66 -24.84 -41.83
N GLU A 68 30.91 -25.84 -41.38
CA GLU A 68 30.62 -25.96 -39.94
C GLU A 68 31.88 -26.00 -39.06
N GLU A 69 33.00 -26.45 -39.63
CA GLU A 69 34.24 -26.63 -38.86
C GLU A 69 34.85 -25.31 -38.41
N PHE A 70 34.63 -24.26 -39.19
CA PHE A 70 35.11 -22.91 -38.87
C PHE A 70 34.81 -22.45 -37.45
N SER A 71 35.81 -21.82 -36.84
CA SER A 71 35.67 -21.25 -35.52
C SER A 71 34.71 -20.06 -35.61
N LYS A 72 34.34 -19.52 -34.46
CA LYS A 72 33.55 -18.30 -34.39
C LYS A 72 34.37 -17.12 -34.94
N GLU A 73 35.68 -17.16 -34.70
CA GLU A 73 36.56 -16.09 -35.11
C GLU A 73 36.75 -16.03 -36.64
N GLU A 74 36.84 -17.19 -37.27
CA GLU A 74 37.06 -17.25 -38.72
C GLU A 74 35.80 -16.85 -39.48
N LEU A 75 34.67 -17.27 -38.93
CA LEU A 75 33.33 -16.94 -39.41
C LEU A 75 33.18 -15.41 -39.49
N ARG A 76 33.62 -14.73 -38.44
CA ARG A 76 33.65 -13.28 -38.40
C ARG A 76 34.54 -12.74 -39.52
N GLU A 77 35.84 -13.05 -39.43
CA GLU A 77 36.87 -12.53 -40.33
C GLU A 77 36.53 -12.60 -41.82
N ARG A 78 36.05 -13.76 -42.27
CA ARG A 78 35.70 -13.93 -43.68
C ARG A 78 34.38 -13.24 -43.95
N GLY A 79 33.41 -13.45 -43.07
CA GLY A 79 32.12 -12.77 -43.20
C GLY A 79 32.32 -11.34 -43.63
N LEU A 80 32.97 -10.58 -42.76
CA LEU A 80 33.18 -9.14 -42.96
C LEU A 80 34.03 -8.86 -44.18
N GLU A 81 34.99 -9.75 -44.48
CA GLU A 81 35.82 -9.62 -45.70
C GLU A 81 34.97 -9.57 -46.95
N ILE A 82 34.21 -10.63 -47.19
CA ILE A 82 33.33 -10.71 -48.33
C ILE A 82 32.34 -9.58 -48.35
N GLY A 83 31.76 -9.31 -47.18
CA GLY A 83 30.75 -8.28 -47.07
C GLY A 83 31.30 -6.96 -47.50
N LYS A 84 32.43 -6.58 -46.92
CA LYS A 84 33.16 -5.39 -47.35
C LYS A 84 33.47 -5.45 -48.85
N ALA A 85 33.80 -6.65 -49.35
CA ALA A 85 34.32 -6.84 -50.70
C ALA A 85 33.24 -6.59 -51.74
N VAL A 86 32.01 -6.61 -51.28
CA VAL A 86 30.88 -6.83 -52.16
C VAL A 86 29.93 -5.61 -52.23
N LEU A 87 30.16 -4.61 -51.39
CA LEU A 87 29.24 -3.47 -51.21
C LEU A 87 29.80 -2.10 -51.66
N ASP A 88 28.98 -1.28 -52.34
CA ASP A 88 29.45 0.05 -52.80
C ASP A 88 30.00 0.88 -51.64
N SER A 89 29.39 0.71 -50.47
CA SER A 89 29.84 1.30 -49.22
C SER A 89 29.08 0.59 -48.13
N TYR A 90 29.60 0.64 -46.91
CA TYR A 90 29.16 -0.26 -45.86
C TYR A 90 29.21 0.33 -44.46
N GLU A 91 28.94 -0.53 -43.47
CA GLU A 91 28.81 -0.12 -42.07
C GLU A 91 28.79 -1.37 -41.19
N ILE A 92 29.63 -1.38 -40.16
CA ILE A 92 29.72 -2.56 -39.30
C ILE A 92 29.40 -2.24 -37.85
N ARG A 93 28.23 -2.70 -37.41
CA ARG A 93 27.77 -2.58 -36.02
C ARG A 93 26.90 -3.79 -35.80
N TYR A 94 27.16 -4.52 -34.72
CA TYR A 94 26.30 -5.63 -34.36
C TYR A 94 26.49 -5.93 -32.91
N ALA A 95 25.48 -6.54 -32.29
CA ALA A 95 25.51 -6.75 -30.86
C ALA A 95 26.25 -8.03 -30.54
N GLU A 96 26.10 -9.05 -31.38
CA GLU A 96 26.75 -10.33 -31.10
C GLU A 96 27.10 -11.07 -32.39
N HIS A 97 26.12 -11.30 -33.24
CA HIS A 97 26.41 -11.98 -34.48
C HIS A 97 26.90 -11.07 -35.63
N PRO A 98 28.15 -11.29 -36.11
CA PRO A 98 28.79 -10.41 -37.09
C PRO A 98 28.14 -10.46 -38.47
N TYR A 99 28.04 -9.28 -39.09
CA TYR A 99 27.53 -9.11 -40.45
C TYR A 99 27.95 -7.73 -40.93
N VAL A 100 27.74 -7.45 -42.22
CA VAL A 100 28.04 -6.14 -42.76
C VAL A 100 26.79 -5.59 -43.42
N HIS A 101 26.43 -4.36 -43.06
CA HIS A 101 25.30 -3.64 -43.66
C HIS A 101 25.84 -2.69 -44.72
N GLY A 102 25.15 -2.54 -45.82
CA GLY A 102 25.69 -1.73 -46.87
C GLY A 102 24.73 -1.45 -47.98
N VAL A 103 25.28 -0.94 -49.07
CA VAL A 103 24.49 -0.51 -50.20
C VAL A 103 25.10 -0.94 -51.54
N VAL A 104 24.29 -1.54 -52.39
CA VAL A 104 24.64 -1.77 -53.79
C VAL A 104 23.62 -1.06 -54.64
N LYS A 105 24.09 -0.34 -55.66
CA LYS A 105 23.24 0.45 -56.55
C LYS A 105 22.05 1.06 -55.80
N GLY A 106 22.36 1.81 -54.75
CA GLY A 106 21.37 2.57 -54.00
C GLY A 106 20.37 1.77 -53.18
N VAL A 107 20.55 0.46 -53.09
CA VAL A 107 19.64 -0.37 -52.29
C VAL A 107 20.36 -1.08 -51.16
N GLU A 108 19.69 -1.13 -50.01
CA GLU A 108 20.26 -1.65 -48.77
C GLU A 108 20.39 -3.16 -48.75
N VAL A 109 21.53 -3.60 -48.24
CA VAL A 109 21.87 -5.02 -48.17
C VAL A 109 22.39 -5.42 -46.78
N ASP A 110 22.05 -6.63 -46.36
CA ASP A 110 22.72 -7.26 -45.25
C ASP A 110 23.42 -8.49 -45.77
N VAL A 111 24.74 -8.50 -45.68
CA VAL A 111 25.46 -9.71 -45.98
C VAL A 111 25.91 -10.34 -44.67
N VAL A 112 25.48 -11.58 -44.51
CA VAL A 112 25.55 -12.23 -43.25
C VAL A 112 26.30 -13.54 -43.39
N PRO A 113 27.28 -13.79 -42.51
CA PRO A 113 27.90 -15.08 -42.59
C PRO A 113 27.15 -16.06 -41.69
N CYS A 114 27.13 -17.34 -42.06
CA CYS A 114 26.54 -18.38 -41.21
C CYS A 114 27.18 -19.71 -41.57
N TYR A 115 26.79 -20.75 -40.83
CA TYR A 115 27.24 -22.12 -41.10
C TYR A 115 26.28 -22.94 -42.01
N LYS A 116 26.85 -23.65 -42.98
CA LYS A 116 26.10 -24.60 -43.80
C LYS A 116 25.84 -25.90 -43.04
N LEU A 117 24.58 -26.16 -42.71
CA LEU A 117 24.19 -27.33 -41.89
C LEU A 117 23.30 -28.32 -42.64
N LYS A 118 23.31 -29.58 -42.20
CA LYS A 118 22.38 -30.54 -42.75
C LYS A 118 21.07 -30.52 -41.95
N GLU A 119 21.21 -30.30 -40.66
CA GLU A 119 20.07 -30.13 -39.78
C GLU A 119 20.19 -28.83 -38.96
N PRO A 120 19.11 -28.04 -38.90
CA PRO A 120 19.05 -26.90 -37.98
C PRO A 120 18.81 -27.28 -36.49
N LYS A 121 18.71 -28.58 -36.19
CA LYS A 121 18.76 -29.07 -34.80
C LYS A 121 20.20 -28.91 -34.32
N ASN A 122 20.39 -28.19 -33.20
CA ASN A 122 21.70 -27.67 -32.75
C ASN A 122 22.36 -26.77 -33.79
N ILE A 123 22.92 -25.66 -33.33
CA ILE A 123 23.18 -24.51 -34.19
C ILE A 123 24.43 -23.80 -33.72
N LYS A 124 25.42 -23.62 -34.59
CA LYS A 124 26.64 -22.95 -34.16
C LYS A 124 26.41 -21.46 -33.98
N SER A 125 26.09 -20.75 -35.06
CA SER A 125 25.85 -19.31 -34.96
C SER A 125 24.42 -19.07 -34.48
N ALA A 126 24.01 -17.81 -34.36
CA ALA A 126 22.64 -17.51 -33.96
C ALA A 126 21.72 -17.35 -35.15
N VAL A 127 22.26 -17.32 -36.37
CA VAL A 127 21.43 -17.08 -37.56
C VAL A 127 21.27 -18.31 -38.47
N ASP A 128 21.73 -19.45 -37.98
CA ASP A 128 21.79 -20.68 -38.78
C ASP A 128 20.45 -21.24 -39.27
N ARG A 129 19.32 -20.68 -38.83
CA ARG A 129 18.02 -21.22 -39.22
C ARG A 129 17.53 -20.52 -40.45
N THR A 130 18.08 -19.34 -40.70
CA THR A 130 17.56 -18.48 -41.73
C THR A 130 17.52 -19.11 -43.14
N PRO A 131 18.60 -19.78 -43.56
CA PRO A 131 18.44 -20.34 -44.89
C PRO A 131 17.47 -21.52 -44.90
N PHE A 132 17.29 -22.19 -43.75
CA PHE A 132 16.25 -23.23 -43.59
C PHE A 132 14.84 -22.66 -43.58
N HIS A 133 14.69 -21.48 -43.00
CA HIS A 133 13.40 -20.79 -42.97
C HIS A 133 12.92 -20.63 -44.38
N HIS A 134 13.80 -20.06 -45.18
CA HIS A 134 13.48 -19.72 -46.53
C HIS A 134 13.07 -20.98 -47.26
N LYS A 135 13.90 -22.00 -47.17
CA LYS A 135 13.61 -23.28 -47.80
C LYS A 135 12.21 -23.79 -47.38
N TRP A 136 11.84 -23.63 -46.11
CA TRP A 136 10.51 -24.01 -45.61
C TRP A 136 9.39 -23.16 -46.17
N LEU A 137 9.66 -21.87 -46.34
CA LEU A 137 8.68 -20.87 -46.76
C LEU A 137 8.52 -20.78 -48.27
N GLU A 138 9.66 -20.87 -48.96
CA GLU A 138 9.79 -20.77 -50.40
C GLU A 138 8.60 -21.34 -51.20
N GLY A 139 8.20 -22.57 -50.91
CA GLY A 139 7.09 -23.21 -51.61
C GLY A 139 5.72 -22.94 -51.03
N ARG A 140 5.66 -22.61 -49.74
CA ARG A 140 4.39 -22.48 -49.02
C ARG A 140 3.81 -21.07 -48.98
N ILE A 141 4.58 -20.09 -49.44
CA ILE A 141 4.18 -18.70 -49.35
C ILE A 141 3.65 -18.13 -50.67
N LYS A 142 3.87 -18.87 -51.75
CA LYS A 142 3.54 -18.42 -53.10
C LYS A 142 2.09 -17.99 -53.31
N GLY A 143 1.93 -16.76 -53.77
CA GLY A 143 0.62 -16.20 -54.08
C GLY A 143 -0.02 -15.57 -52.87
N LYS A 144 0.67 -15.62 -51.72
CA LYS A 144 0.17 -15.06 -50.47
C LYS A 144 1.03 -13.89 -50.01
N GLU A 145 1.96 -13.47 -50.86
CA GLU A 145 2.86 -12.39 -50.52
C GLU A 145 2.11 -11.14 -50.09
N ASN A 146 1.01 -10.87 -50.76
CA ASN A 146 0.29 -9.64 -50.49
C ASN A 146 -0.46 -9.70 -49.18
N GLU A 147 -0.82 -10.90 -48.78
CA GLU A 147 -1.38 -11.14 -47.45
C GLU A 147 -0.32 -10.79 -46.42
N VAL A 148 0.89 -11.27 -46.66
CA VAL A 148 2.01 -10.95 -45.79
C VAL A 148 2.20 -9.45 -45.70
N ARG A 149 2.24 -8.78 -46.86
CA ARG A 149 2.48 -7.35 -46.91
C ARG A 149 1.39 -6.58 -46.17
N LEU A 150 0.15 -7.03 -46.28
CA LEU A 150 -0.95 -6.45 -45.54
C LEU A 150 -0.74 -6.53 -44.03
N LEU A 151 -0.36 -7.72 -43.55
CA LEU A 151 -0.13 -7.94 -42.13
C LEU A 151 1.09 -7.15 -41.64
N LYS A 152 2.14 -7.10 -42.45
CA LYS A 152 3.32 -6.29 -42.11
C LYS A 152 3.00 -4.79 -42.10
N GLY A 153 2.10 -4.34 -42.99
CA GLY A 153 1.64 -2.94 -42.99
C GLY A 153 0.86 -2.59 -41.74
N PHE A 154 -0.18 -3.39 -41.49
CA PHE A 154 -1.00 -3.33 -40.27
C PHE A 154 -0.17 -3.29 -38.98
N LEU A 155 0.94 -4.02 -38.96
CA LEU A 155 1.75 -4.07 -37.78
C LEU A 155 2.59 -2.84 -37.68
N LYS A 156 3.33 -2.54 -38.73
CA LYS A 156 4.20 -1.38 -38.74
C LYS A 156 3.41 -0.12 -38.35
N ALA A 157 2.36 0.16 -39.10
CA ALA A 157 1.54 1.31 -38.82
C ALA A 157 1.15 1.35 -37.34
N ASN A 158 0.85 0.21 -36.75
CA ASN A 158 0.46 0.19 -35.34
C ASN A 158 1.62 0.03 -34.37
N GLY A 159 2.83 0.31 -34.85
CA GLY A 159 4.02 0.36 -33.98
C GLY A 159 4.54 -0.94 -33.38
N ILE A 160 4.04 -2.08 -33.89
CA ILE A 160 4.41 -3.39 -33.34
C ILE A 160 5.05 -4.36 -34.33
N TYR A 161 5.67 -3.83 -35.39
CA TYR A 161 6.41 -4.66 -36.32
C TYR A 161 7.88 -4.65 -35.97
N GLY A 162 8.48 -5.84 -35.91
CA GLY A 162 9.89 -6.01 -35.55
C GLY A 162 10.06 -6.72 -34.21
N ALA A 163 11.00 -7.66 -34.13
CA ALA A 163 11.26 -8.41 -32.91
C ALA A 163 12.36 -7.77 -32.03
N GLU A 164 13.06 -6.78 -32.56
CA GLU A 164 14.15 -6.17 -31.81
C GLU A 164 13.64 -5.58 -30.48
N TYR A 165 14.55 -5.44 -29.52
CA TYR A 165 14.18 -4.90 -28.22
C TYR A 165 13.58 -3.51 -28.26
N LYS A 166 13.79 -2.77 -29.34
CA LYS A 166 13.23 -1.43 -29.44
C LYS A 166 11.73 -1.50 -29.65
N VAL A 167 11.29 -2.56 -30.31
CA VAL A 167 9.91 -2.74 -30.67
C VAL A 167 9.24 -3.81 -29.82
N ARG A 168 9.95 -4.92 -29.61
CA ARG A 168 9.37 -6.12 -28.98
C ARG A 168 8.02 -6.51 -29.59
N GLY A 169 7.99 -6.55 -30.91
CA GLY A 169 6.78 -6.87 -31.66
C GLY A 169 6.97 -8.06 -32.58
N PHE A 170 6.28 -8.04 -33.72
CA PHE A 170 6.19 -9.20 -34.60
C PHE A 170 7.28 -9.19 -35.63
N SER A 171 8.05 -10.28 -35.69
CA SER A 171 9.12 -10.39 -36.68
C SER A 171 8.50 -10.53 -38.07
N GLY A 172 9.23 -10.14 -39.11
CA GLY A 172 8.80 -10.40 -40.48
C GLY A 172 8.47 -11.87 -40.75
N TYR A 173 9.40 -12.76 -40.38
CA TYR A 173 9.20 -14.19 -40.49
C TYR A 173 7.96 -14.68 -39.72
N LEU A 174 7.71 -14.15 -38.51
CA LEU A 174 6.47 -14.48 -37.79
C LEU A 174 5.24 -14.16 -38.66
N CYS A 175 5.25 -13.01 -39.32
CA CYS A 175 4.18 -12.63 -40.22
C CYS A 175 3.99 -13.69 -41.31
N GLU A 176 5.06 -14.07 -41.99
CA GLU A 176 4.96 -15.09 -43.02
C GLU A 176 4.37 -16.39 -42.48
N LEU A 177 4.80 -16.80 -41.30
CA LEU A 177 4.32 -18.05 -40.73
C LEU A 177 2.84 -17.99 -40.47
N LEU A 178 2.36 -16.83 -40.03
CA LEU A 178 0.96 -16.66 -39.67
C LEU A 178 0.09 -16.76 -40.91
N ILE A 179 0.50 -16.04 -41.95
CA ILE A 179 -0.19 -16.10 -43.22
C ILE A 179 -0.24 -17.54 -43.66
N VAL A 180 0.88 -18.26 -43.57
CA VAL A 180 0.82 -19.69 -43.92
C VAL A 180 -0.17 -20.43 -43.03
N PHE A 181 -0.18 -20.14 -41.73
CA PHE A 181 -1.05 -20.88 -40.79
C PHE A 181 -2.53 -20.56 -40.93
N TYR A 182 -2.81 -19.33 -41.36
CA TYR A 182 -4.18 -18.80 -41.29
C TYR A 182 -4.82 -18.55 -42.66
N GLY A 183 -4.03 -18.65 -43.73
CA GLY A 183 -4.54 -18.45 -45.08
C GLY A 183 -4.35 -17.05 -45.63
N SER A 184 -4.69 -16.04 -44.84
CA SER A 184 -4.75 -14.65 -45.32
C SER A 184 -4.76 -13.64 -44.18
N PHE A 185 -4.35 -12.41 -44.48
CA PHE A 185 -4.43 -11.32 -43.49
C PHE A 185 -5.73 -11.32 -42.70
N LEU A 186 -6.85 -11.18 -43.42
CA LEU A 186 -8.19 -11.17 -42.83
C LEU A 186 -8.37 -12.32 -41.86
N GLU A 187 -8.14 -13.54 -42.35
CA GLU A 187 -8.26 -14.74 -41.50
C GLU A 187 -7.29 -14.74 -40.31
N THR A 188 -6.13 -14.12 -40.48
CA THR A 188 -5.20 -13.97 -39.37
C THR A 188 -5.83 -13.03 -38.36
N VAL A 189 -6.40 -11.94 -38.83
CA VAL A 189 -6.96 -10.95 -37.91
C VAL A 189 -8.17 -11.52 -37.15
N LYS A 190 -9.04 -12.21 -37.90
CA LYS A 190 -10.27 -12.79 -37.36
C LYS A 190 -9.96 -13.81 -36.27
N ASN A 191 -8.84 -14.51 -36.41
CA ASN A 191 -8.46 -15.52 -35.44
C ASN A 191 -7.65 -14.93 -34.31
N ALA A 192 -6.68 -14.11 -34.67
CA ALA A 192 -5.87 -13.38 -33.71
C ALA A 192 -6.70 -12.90 -32.54
N ARG A 193 -7.91 -12.45 -32.82
CA ARG A 193 -8.85 -11.93 -31.82
C ARG A 193 -9.09 -12.81 -30.60
N ARG A 194 -8.95 -14.12 -30.73
CA ARG A 194 -9.18 -14.99 -29.59
C ARG A 194 -7.92 -15.69 -29.09
N TRP A 195 -6.77 -15.11 -29.39
CA TRP A 195 -5.50 -15.59 -28.83
C TRP A 195 -5.42 -15.29 -27.34
N THR A 196 -5.31 -16.31 -26.48
CA THR A 196 -4.97 -16.02 -25.08
C THR A 196 -3.47 -15.82 -24.96
N ARG A 197 -3.01 -15.48 -23.76
CA ARG A 197 -1.58 -15.38 -23.48
C ARG A 197 -0.90 -16.77 -23.41
N ARG A 198 -1.68 -17.82 -23.64
CA ARG A 198 -1.18 -19.18 -23.58
C ARG A 198 -1.38 -19.96 -24.89
N THR A 199 -1.86 -19.27 -25.92
CA THR A 199 -1.98 -19.79 -27.29
C THR A 199 -0.63 -20.28 -27.81
N VAL A 200 -0.55 -21.59 -28.07
CA VAL A 200 0.58 -22.18 -28.77
C VAL A 200 0.17 -22.49 -30.22
N ILE A 201 0.85 -21.89 -31.18
CA ILE A 201 0.54 -22.07 -32.59
C ILE A 201 1.61 -22.89 -33.30
N ASP A 202 1.38 -24.20 -33.44
CA ASP A 202 2.38 -25.09 -34.02
C ASP A 202 2.18 -25.23 -35.52
N VAL A 203 2.85 -24.34 -36.28
CA VAL A 203 2.62 -24.22 -37.72
C VAL A 203 2.81 -25.54 -38.41
N ALA A 204 4.00 -26.12 -38.26
CA ALA A 204 4.30 -27.39 -38.88
C ALA A 204 3.20 -28.40 -38.64
N LYS A 205 2.72 -28.54 -37.41
CA LYS A 205 1.67 -29.53 -37.08
C LYS A 205 0.24 -29.10 -37.40
N GLY A 206 0.07 -27.84 -37.84
CA GLY A 206 -1.23 -27.27 -38.15
C GLY A 206 -2.18 -27.20 -36.96
N GLU A 207 -1.60 -27.05 -35.77
CA GLU A 207 -2.30 -27.20 -34.50
C GLU A 207 -2.35 -25.89 -33.69
N VAL A 208 -3.44 -25.69 -32.95
CA VAL A 208 -3.48 -24.64 -31.93
C VAL A 208 -3.72 -25.28 -30.56
N ARG A 209 -2.89 -24.90 -29.60
CA ARG A 209 -2.72 -25.65 -28.36
C ARG A 209 -2.71 -24.66 -27.22
N LYS A 210 -2.92 -25.16 -25.99
CA LYS A 210 -2.64 -24.36 -24.79
C LYS A 210 -1.29 -24.74 -24.16
N GLY A 211 -0.39 -23.78 -24.01
CA GLY A 211 0.88 -24.01 -23.33
C GLY A 211 1.10 -23.04 -22.20
N GLU A 212 2.33 -23.01 -21.69
CA GLU A 212 2.72 -22.15 -20.57
C GLU A 212 2.65 -20.69 -20.92
N GLU A 213 2.90 -20.38 -22.19
CA GLU A 213 3.02 -19.01 -22.63
C GLU A 213 2.64 -19.00 -24.09
N PHE A 214 2.50 -17.80 -24.63
CA PHE A 214 2.33 -17.61 -26.07
C PHE A 214 3.58 -18.19 -26.71
N PHE A 215 3.44 -18.91 -27.82
CA PHE A 215 4.55 -19.66 -28.40
C PHE A 215 4.16 -20.05 -29.80
N VAL A 216 4.91 -19.55 -30.78
CA VAL A 216 4.78 -19.98 -32.17
C VAL A 216 5.94 -20.94 -32.45
N VAL A 217 5.62 -22.20 -32.75
CA VAL A 217 6.67 -23.20 -32.96
C VAL A 217 7.26 -23.03 -34.36
N ASP A 218 8.56 -22.73 -34.40
CA ASP A 218 9.31 -22.69 -35.65
C ASP A 218 9.27 -24.05 -36.35
N PRO A 219 8.73 -24.05 -37.59
CA PRO A 219 8.63 -25.29 -38.38
C PRO A 219 10.00 -25.94 -38.51
N VAL A 220 11.01 -25.10 -38.71
CA VAL A 220 12.40 -25.47 -38.91
C VAL A 220 13.13 -25.98 -37.65
N ASP A 221 12.68 -25.57 -36.48
CA ASP A 221 13.32 -25.96 -35.21
C ASP A 221 12.23 -25.84 -34.16
N GLU A 222 11.89 -26.99 -33.58
CA GLU A 222 10.69 -27.12 -32.78
C GLU A 222 10.85 -26.48 -31.42
N LYS A 223 12.07 -26.51 -30.89
CA LYS A 223 12.37 -25.86 -29.63
C LYS A 223 12.19 -24.35 -29.70
N ARG A 224 12.25 -23.79 -30.91
CA ARG A 224 12.29 -22.33 -31.15
C ARG A 224 10.93 -21.62 -31.09
N ASN A 225 10.80 -20.63 -30.20
CA ASN A 225 9.58 -19.80 -30.19
C ASN A 225 9.79 -18.58 -31.09
N VAL A 226 9.09 -18.57 -32.22
CA VAL A 226 9.31 -17.48 -33.16
C VAL A 226 8.91 -16.13 -32.55
N ALA A 227 7.96 -16.18 -31.61
CA ALA A 227 7.47 -14.98 -31.00
C ALA A 227 8.04 -14.87 -29.60
N ALA A 228 9.29 -15.30 -29.43
CA ALA A 228 9.93 -15.33 -28.12
C ALA A 228 10.05 -13.95 -27.50
N ASN A 229 10.23 -12.92 -28.31
CA ASN A 229 10.48 -11.57 -27.80
C ASN A 229 9.28 -10.60 -27.97
N LEU A 230 8.13 -11.16 -28.31
CA LEU A 230 6.88 -10.40 -28.42
C LEU A 230 6.35 -10.17 -27.01
N SER A 231 6.41 -8.93 -26.55
CA SER A 231 5.98 -8.59 -25.20
C SER A 231 4.51 -8.94 -24.99
N LEU A 232 4.19 -9.43 -23.80
CA LEU A 232 2.82 -9.78 -23.44
C LEU A 232 1.92 -8.59 -23.70
N ASP A 233 2.43 -7.39 -23.43
CA ASP A 233 1.70 -6.16 -23.74
C ASP A 233 1.45 -5.89 -25.23
N ASN A 234 2.44 -6.16 -26.08
CA ASN A 234 2.23 -6.02 -27.51
C ASN A 234 1.34 -7.10 -28.09
N LEU A 235 1.29 -8.25 -27.42
CA LEU A 235 0.40 -9.32 -27.82
C LEU A 235 -1.01 -8.78 -27.61
N ALA A 236 -1.20 -8.20 -26.42
CA ALA A 236 -2.48 -7.65 -26.00
C ALA A 236 -2.87 -6.55 -26.96
N ARG A 237 -1.97 -5.59 -27.21
CA ARG A 237 -2.20 -4.53 -28.19
C ARG A 237 -2.66 -5.10 -29.53
N PHE A 238 -2.01 -6.18 -29.99
CA PHE A 238 -2.38 -6.77 -31.25
C PHE A 238 -3.78 -7.35 -31.26
N VAL A 239 -4.13 -8.17 -30.27
CA VAL A 239 -5.48 -8.76 -30.28
C VAL A 239 -6.54 -7.68 -30.11
N HIS A 240 -6.21 -6.61 -29.40
CA HIS A 240 -7.14 -5.51 -29.29
C HIS A 240 -7.32 -4.85 -30.65
N LEU A 241 -6.21 -4.52 -31.31
CA LEU A 241 -6.23 -4.01 -32.69
C LEU A 241 -7.11 -4.85 -33.61
N CYS A 242 -7.01 -6.18 -33.49
CA CYS A 242 -7.79 -7.06 -34.36
C CYS A 242 -9.27 -6.92 -34.06
N ARG A 243 -9.62 -7.02 -32.77
CA ARG A 243 -11.02 -6.92 -32.36
C ARG A 243 -11.57 -5.59 -32.82
N GLU A 244 -10.74 -4.56 -32.77
CA GLU A 244 -11.22 -3.23 -33.12
C GLU A 244 -11.42 -3.06 -34.60
N PHE A 245 -10.50 -3.63 -35.39
CA PHE A 245 -10.55 -3.57 -36.85
C PHE A 245 -11.83 -4.23 -37.42
N MET A 246 -12.27 -5.31 -36.80
CA MET A 246 -13.40 -6.07 -37.32
C MET A 246 -14.73 -5.53 -36.86
N GLU A 247 -14.74 -4.66 -35.86
CA GLU A 247 -15.97 -3.95 -35.49
C GLU A 247 -16.17 -2.82 -36.49
N ALA A 248 -15.15 -1.98 -36.61
CA ALA A 248 -15.18 -0.88 -37.53
C ALA A 248 -13.88 -0.89 -38.32
N PRO A 249 -13.89 -1.53 -39.51
CA PRO A 249 -12.80 -1.51 -40.48
C PRO A 249 -12.54 -0.10 -41.00
N SER A 250 -11.31 0.18 -41.39
CA SER A 250 -10.89 1.54 -41.64
C SER A 250 -9.51 1.49 -42.29
N LEU A 251 -9.24 2.39 -43.22
CA LEU A 251 -7.90 2.51 -43.80
C LEU A 251 -6.92 3.05 -42.74
N GLY A 252 -7.47 3.61 -41.66
CA GLY A 252 -6.69 4.19 -40.57
C GLY A 252 -5.69 3.25 -39.94
N PHE A 253 -6.08 1.99 -39.75
CA PHE A 253 -5.22 0.97 -39.15
C PHE A 253 -3.94 0.73 -39.95
N PHE A 254 -3.95 1.16 -41.21
CA PHE A 254 -2.83 0.93 -42.12
C PHE A 254 -2.01 2.18 -42.37
N LYS A 255 -2.49 3.34 -41.91
CA LYS A 255 -1.68 4.54 -41.99
C LYS A 255 -1.08 4.73 -40.60
N PRO A 256 0.21 5.11 -40.51
CA PRO A 256 0.85 5.33 -39.20
C PRO A 256 0.42 6.66 -38.56
N LYS A 257 0.49 6.74 -37.24
CA LYS A 257 0.17 8.00 -36.55
C LYS A 257 1.46 8.69 -36.10
N HIS A 258 1.39 10.01 -35.94
CA HIS A 258 2.56 10.80 -35.60
C HIS A 258 2.22 11.72 -34.45
N PRO A 259 3.15 11.88 -33.49
CA PRO A 259 2.94 12.78 -32.37
C PRO A 259 2.70 14.19 -32.88
N LEU A 260 1.77 14.89 -32.25
CA LEU A 260 1.51 16.28 -32.61
C LEU A 260 2.44 17.16 -31.81
N GLU A 261 2.96 18.20 -32.47
CA GLU A 261 3.82 19.18 -31.79
C GLU A 261 2.97 19.86 -30.71
N ILE A 262 3.24 19.52 -29.46
CA ILE A 262 2.45 20.02 -28.34
C ILE A 262 3.18 21.11 -27.55
N GLU A 263 2.48 22.24 -27.34
CA GLU A 263 3.00 23.42 -26.63
C GLU A 263 3.44 23.06 -25.21
N PRO A 264 4.63 23.55 -24.78
CA PRO A 264 5.06 23.35 -23.39
C PRO A 264 4.06 23.97 -22.42
N GLU A 265 3.18 24.83 -22.97
CA GLU A 265 2.14 25.51 -22.21
C GLU A 265 0.92 24.63 -21.99
N ARG A 266 0.42 24.00 -23.05
CA ARG A 266 -0.72 23.11 -22.91
C ARG A 266 -0.41 21.96 -21.95
N LEU A 267 0.78 21.37 -22.02
CA LEU A 267 1.04 20.24 -21.15
C LEU A 267 1.50 20.66 -19.76
N ARG A 268 1.84 21.92 -19.59
CA ARG A 268 1.98 22.47 -18.23
C ARG A 268 0.62 22.34 -17.55
N LYS A 269 -0.41 22.83 -18.24
CA LYS A 269 -1.80 22.82 -17.76
C LYS A 269 -2.31 21.40 -17.53
N ILE A 270 -1.94 20.49 -18.42
CA ILE A 270 -2.35 19.08 -18.31
C ILE A 270 -1.75 18.46 -17.07
N VAL A 271 -0.46 18.69 -16.86
CA VAL A 271 0.23 18.12 -15.71
C VAL A 271 -0.33 18.67 -14.42
N GLU A 272 -0.56 19.98 -14.34
CA GLU A 272 -1.06 20.55 -13.11
C GLU A 272 -2.50 20.14 -12.87
N GLU A 273 -3.30 20.03 -13.93
CA GLU A 273 -4.65 19.47 -13.84
C GLU A 273 -4.62 18.10 -13.15
N ARG A 274 -3.72 17.21 -13.60
CA ARG A 274 -3.50 15.90 -12.99
C ARG A 274 -2.94 16.01 -11.59
N GLY A 275 -2.14 17.06 -11.37
CA GLY A 275 -1.47 17.33 -10.11
C GLY A 275 -0.47 16.27 -9.71
N THR A 276 0.34 15.81 -10.64
CA THR A 276 1.31 14.77 -10.31
C THR A 276 2.70 15.34 -10.36
N ALA A 277 3.63 14.65 -9.71
CA ALA A 277 5.06 14.89 -9.90
C ALA A 277 5.47 14.20 -11.18
N VAL A 278 5.85 14.98 -12.19
CA VAL A 278 6.48 14.39 -13.36
C VAL A 278 7.86 15.02 -13.58
N PHE A 279 8.85 14.14 -13.72
CA PHE A 279 10.23 14.52 -13.91
C PHE A 279 10.88 13.40 -14.69
N ALA A 280 12.07 13.67 -15.21
CA ALA A 280 12.87 12.66 -15.91
C ALA A 280 14.25 12.62 -15.30
N VAL A 281 14.98 11.53 -15.52
CA VAL A 281 16.42 11.61 -15.33
C VAL A 281 17.13 11.71 -16.67
N LYS A 282 17.95 12.76 -16.81
CA LYS A 282 18.64 13.03 -18.04
C LYS A 282 20.10 12.66 -17.90
N PHE A 283 20.56 11.83 -18.83
CA PHE A 283 21.96 11.44 -18.89
C PHE A 283 22.45 11.18 -20.34
N ARG A 284 23.77 11.19 -20.52
CA ARG A 284 24.38 11.08 -21.84
C ARG A 284 24.27 9.67 -22.41
N LYS A 285 23.91 9.56 -23.69
CA LYS A 285 23.62 8.24 -24.29
C LYS A 285 24.88 7.44 -24.51
N PRO A 286 25.01 6.28 -23.85
CA PRO A 286 26.19 5.44 -24.09
C PRO A 286 26.26 5.00 -25.56
N ASP A 287 27.44 5.10 -26.18
CA ASP A 287 27.56 4.88 -27.61
C ASP A 287 27.61 3.38 -27.93
N ILE A 288 26.45 2.76 -27.85
CA ILE A 288 26.30 1.33 -28.06
C ILE A 288 25.10 1.08 -28.97
N VAL A 289 25.05 -0.08 -29.63
CA VAL A 289 23.93 -0.37 -30.51
C VAL A 289 22.58 -0.32 -29.81
N ASP A 290 21.53 -0.25 -30.62
CA ASP A 290 20.17 -0.12 -30.13
C ASP A 290 19.78 -1.29 -29.24
N ASP A 291 20.06 -2.49 -29.74
CA ASP A 291 19.67 -3.72 -29.11
C ASP A 291 20.38 -3.97 -27.80
N ASN A 292 21.37 -3.13 -27.50
CA ASN A 292 22.01 -3.15 -26.21
C ASN A 292 21.54 -2.05 -25.28
N LEU A 293 21.26 -0.87 -25.84
CA LEU A 293 20.79 0.27 -25.06
C LEU A 293 19.44 -0.03 -24.40
N TYR A 294 18.49 -0.53 -25.20
CA TYR A 294 17.10 -0.59 -24.81
C TYR A 294 16.76 -1.50 -23.63
N PRO A 295 17.38 -2.69 -23.57
CA PRO A 295 17.12 -3.47 -22.35
C PRO A 295 17.66 -2.76 -21.10
N GLN A 296 18.84 -2.16 -21.19
CA GLN A 296 19.39 -1.44 -20.06
C GLN A 296 18.57 -0.20 -19.76
N LEU A 297 18.01 0.41 -20.80
CA LEU A 297 17.10 1.53 -20.56
C LEU A 297 15.85 1.01 -19.86
N GLU A 298 15.34 -0.14 -20.28
CA GLU A 298 14.18 -0.69 -19.60
C GLU A 298 14.56 -0.99 -18.17
N ARG A 299 15.73 -1.56 -17.98
CA ARG A 299 16.15 -1.94 -16.65
C ARG A 299 16.24 -0.72 -15.73
N ALA A 300 16.94 0.31 -16.18
CA ALA A 300 17.06 1.54 -15.42
C ALA A 300 15.70 2.02 -14.91
N SER A 301 14.72 2.05 -15.81
CA SER A 301 13.35 2.43 -15.51
C SER A 301 12.70 1.60 -14.42
N ARG A 302 12.75 0.29 -14.55
CA ARG A 302 12.12 -0.60 -13.60
C ARG A 302 12.70 -0.34 -12.22
N LYS A 303 14.01 -0.17 -12.16
CA LYS A 303 14.72 -0.15 -10.90
C LYS A 303 14.39 1.11 -10.09
N ILE A 304 14.34 2.23 -10.78
CA ILE A 304 13.95 3.49 -10.16
C ILE A 304 12.45 3.43 -9.85
N PHE A 305 11.63 3.01 -10.81
CA PHE A 305 10.20 2.83 -10.58
C PHE A 305 9.93 2.03 -9.31
N GLU A 306 10.65 0.93 -9.13
CA GLU A 306 10.50 0.15 -7.90
C GLU A 306 11.03 0.89 -6.70
N PHE A 307 12.15 1.58 -6.85
CA PHE A 307 12.65 2.40 -5.75
C PHE A 307 11.55 3.38 -5.33
N LEU A 308 10.87 3.94 -6.32
CA LEU A 308 9.87 4.96 -6.05
C LEU A 308 8.69 4.37 -5.32
N GLU A 309 8.39 3.10 -5.59
CA GLU A 309 7.20 2.52 -5.00
C GLU A 309 7.40 2.01 -3.59
N ARG A 310 8.57 1.46 -3.30
CA ARG A 310 8.86 1.10 -1.92
C ARG A 310 9.16 2.35 -1.07
N GLU A 311 9.35 3.49 -1.72
CA GLU A 311 9.48 4.73 -0.97
C GLU A 311 8.16 5.52 -0.90
N ASN A 312 7.05 4.86 -1.27
CA ASN A 312 5.70 5.42 -1.08
C ASN A 312 5.31 6.63 -1.90
N PHE A 313 6.18 7.02 -2.82
CA PHE A 313 5.90 8.09 -3.77
C PHE A 313 4.90 7.71 -4.84
N MET A 314 4.40 6.48 -4.77
CA MET A 314 3.21 6.09 -5.51
C MET A 314 3.34 6.37 -7.01
N PRO A 315 4.29 5.72 -7.69
CA PRO A 315 4.52 6.05 -9.10
C PRO A 315 3.35 5.56 -9.98
N LEU A 316 3.14 6.19 -11.14
CA LEU A 316 2.03 5.78 -12.00
C LEU A 316 2.53 4.94 -13.17
N ARG A 317 3.18 5.61 -14.12
CA ARG A 317 3.78 4.96 -15.27
C ARG A 317 5.18 5.49 -15.46
N SER A 318 6.00 4.73 -16.17
CA SER A 318 7.36 5.15 -16.50
C SER A 318 7.59 5.01 -17.98
N ALA A 319 8.48 5.82 -18.54
CA ALA A 319 8.81 5.75 -19.97
C ALA A 319 10.21 6.24 -20.18
N PHE A 320 10.77 5.96 -21.35
CA PHE A 320 12.08 6.48 -21.66
C PHE A 320 12.22 6.95 -23.11
N LYS A 321 13.29 7.71 -23.38
CA LYS A 321 13.61 8.22 -24.72
C LYS A 321 15.12 8.22 -24.92
N ALA A 322 15.56 7.94 -26.16
CA ALA A 322 16.96 8.05 -26.49
C ALA A 322 17.10 8.94 -27.69
N SER A 323 17.61 10.15 -27.48
CA SER A 323 17.86 11.10 -28.58
C SER A 323 19.20 10.81 -29.22
N GLU A 324 19.73 11.78 -29.95
CA GLU A 324 21.07 11.66 -30.52
C GLU A 324 22.11 11.37 -29.45
N GLU A 325 22.19 12.23 -28.45
CA GLU A 325 23.29 12.22 -27.46
C GLU A 325 22.82 12.11 -26.00
N PHE A 326 21.52 12.02 -25.80
CA PHE A 326 20.98 11.86 -24.46
C PHE A 326 19.91 10.77 -24.39
N CYS A 327 19.80 10.16 -23.21
CA CYS A 327 18.69 9.29 -22.87
C CYS A 327 17.96 9.91 -21.72
N TYR A 328 16.63 9.79 -21.73
CA TYR A 328 15.84 10.27 -20.61
C TYR A 328 15.07 9.13 -19.96
N LEU A 329 14.87 9.20 -18.66
CA LEU A 329 14.02 8.24 -17.95
C LEU A 329 12.91 9.03 -17.29
N LEU A 330 11.72 8.88 -17.86
CA LEU A 330 10.57 9.68 -17.45
C LEU A 330 9.79 8.93 -16.39
N PHE A 331 9.26 9.66 -15.43
CA PHE A 331 8.39 9.08 -14.41
C PHE A 331 7.31 10.08 -14.02
N GLU A 332 6.17 9.54 -13.57
CA GLU A 332 5.09 10.31 -12.98
C GLU A 332 4.65 9.75 -11.61
N CYS A 333 4.57 10.62 -10.61
CA CYS A 333 4.20 10.19 -9.28
C CYS A 333 2.93 10.83 -8.76
N GLN A 334 2.16 10.05 -8.02
CA GLN A 334 0.97 10.54 -7.36
C GLN A 334 1.33 11.45 -6.20
N ILE A 335 2.43 11.14 -5.52
CA ILE A 335 2.83 11.91 -4.36
C ILE A 335 3.93 12.87 -4.76
N LYS A 336 3.70 14.17 -4.61
CA LYS A 336 4.72 15.17 -4.90
C LYS A 336 5.62 15.39 -3.68
N GLU A 337 5.09 15.07 -2.51
CA GLU A 337 5.75 15.39 -1.28
C GLU A 337 5.22 14.51 -0.18
N ILE A 338 6.12 13.97 0.61
CA ILE A 338 5.75 13.11 1.70
C ILE A 338 6.30 13.72 3.00
N SER A 339 5.71 13.36 4.13
CA SER A 339 6.15 13.90 5.40
C SER A 339 7.54 13.41 5.75
N ARG A 340 8.22 14.15 6.60
CA ARG A 340 9.57 13.83 7.02
C ARG A 340 9.52 12.57 7.87
N VAL A 341 8.51 12.48 8.72
CA VAL A 341 8.42 11.40 9.69
C VAL A 341 7.60 10.23 9.15
N PHE A 342 8.03 9.02 9.50
CA PHE A 342 7.25 7.82 9.21
C PHE A 342 7.30 6.81 10.36
N ARG A 343 6.53 5.73 10.22
CA ARG A 343 6.42 4.70 11.25
C ARG A 343 7.37 3.56 10.97
N ARG A 344 7.87 2.96 12.03
CA ARG A 344 8.67 1.75 11.92
C ARG A 344 8.12 0.71 12.88
N MET A 345 7.95 -0.51 12.38
CA MET A 345 7.41 -1.60 13.20
C MET A 345 8.42 -1.99 14.26
N GLY A 346 7.93 -2.29 15.46
CA GLY A 346 8.78 -2.72 16.55
C GLY A 346 8.40 -4.10 17.06
N PRO A 347 9.19 -4.62 18.02
CA PRO A 347 8.91 -5.92 18.65
C PRO A 347 7.67 -5.89 19.53
N GLN A 348 7.05 -7.06 19.66
CA GLN A 348 5.90 -7.25 20.54
C GLN A 348 6.30 -7.04 21.99
N PHE A 349 5.39 -6.47 22.78
CA PHE A 349 5.74 -5.89 24.09
C PHE A 349 6.39 -6.87 25.06
N GLU A 350 6.06 -8.15 24.89
CA GLU A 350 6.49 -9.23 25.77
C GLU A 350 7.96 -9.61 25.56
N ASP A 351 8.39 -9.57 24.30
CA ASP A 351 9.74 -9.89 23.87
C ASP A 351 10.75 -8.86 24.42
N GLU A 352 11.06 -9.01 25.71
CA GLU A 352 11.79 -7.99 26.48
C GLU A 352 13.12 -7.56 25.89
N ARG A 353 13.96 -8.55 25.56
CA ARG A 353 15.31 -8.30 25.04
C ARG A 353 15.34 -7.46 23.75
N ASN A 354 14.32 -7.61 22.91
CA ASN A 354 14.23 -6.83 21.67
C ASN A 354 13.61 -5.46 21.85
N VAL A 355 12.74 -5.34 22.86
CA VAL A 355 12.20 -4.03 23.27
C VAL A 355 13.35 -3.18 23.81
N LYS A 356 14.21 -3.78 24.63
CA LYS A 356 15.45 -3.16 25.11
C LYS A 356 16.26 -2.54 23.96
N LYS A 357 16.48 -3.34 22.93
CA LYS A 357 17.22 -2.93 21.73
C LYS A 357 16.49 -1.87 20.93
N PHE A 358 15.16 -1.92 20.96
CA PHE A 358 14.33 -1.05 20.12
C PHE A 358 14.31 0.41 20.57
N LEU A 359 14.25 0.65 21.89
CA LEU A 359 14.34 2.01 22.41
C LEU A 359 15.78 2.44 22.68
N SER A 360 16.71 1.50 22.55
CA SER A 360 18.13 1.80 22.65
C SER A 360 18.51 2.99 21.76
N ARG A 361 17.90 3.04 20.58
CA ARG A 361 18.26 4.02 19.54
C ARG A 361 17.91 5.45 19.95
N ASN A 362 18.66 6.42 19.43
CA ASN A 362 18.40 7.82 19.71
C ASN A 362 17.38 8.38 18.73
N ARG A 363 16.20 8.73 19.25
CA ARG A 363 15.10 9.19 18.41
C ARG A 363 14.53 10.52 18.87
N ALA A 364 14.13 11.35 17.90
CA ALA A 364 13.53 12.65 18.16
C ALA A 364 12.22 12.55 18.97
N PHE A 365 11.42 11.54 18.66
CA PHE A 365 10.12 11.32 19.31
C PHE A 365 10.11 10.02 20.10
N ARG A 366 9.27 9.93 21.14
CA ARG A 366 9.19 8.70 21.92
C ARG A 366 8.34 7.62 21.21
N PRO A 367 8.84 6.37 21.19
CA PRO A 367 8.09 5.25 20.62
C PRO A 367 6.85 4.92 21.45
N PHE A 368 5.82 4.39 20.79
CA PHE A 368 4.55 4.12 21.43
C PHE A 368 4.15 2.65 21.38
N ILE A 369 3.00 2.33 21.96
CA ILE A 369 2.44 0.98 21.92
C ILE A 369 1.11 0.99 21.15
N GLU A 370 0.90 -0.02 20.32
CA GLU A 370 -0.31 -0.12 19.47
C GLU A 370 -0.56 -1.58 19.10
N ASN A 371 -1.82 -2.00 19.26
CA ASN A 371 -2.23 -3.40 19.03
C ASN A 371 -1.16 -4.37 19.56
N GLY A 372 -0.63 -4.06 20.73
CA GLY A 372 0.35 -4.90 21.41
C GLY A 372 1.67 -5.06 20.68
N ARG A 373 2.15 -3.96 20.13
CA ARG A 373 3.42 -3.93 19.41
C ARG A 373 4.06 -2.57 19.63
N TRP A 374 5.38 -2.55 19.83
CA TRP A 374 6.09 -1.28 19.88
C TRP A 374 6.25 -0.75 18.46
N TRP A 375 6.27 0.57 18.33
CA TRP A 375 6.40 1.25 17.05
C TRP A 375 7.19 2.54 17.29
N ALA A 376 7.96 2.98 16.29
CA ALA A 376 8.70 4.24 16.41
C ALA A 376 8.31 5.23 15.33
N PHE A 377 8.64 6.51 15.57
CA PHE A 377 8.67 7.55 14.52
C PHE A 377 10.12 7.85 14.07
N GLU A 378 10.40 7.74 12.77
CA GLU A 378 11.72 8.12 12.25
C GLU A 378 11.69 9.05 11.03
N MET A 379 12.81 9.72 10.76
CA MET A 379 12.87 10.71 9.67
C MET A 379 13.31 10.10 8.34
N ARG A 380 12.83 10.70 7.25
CA ARG A 380 13.28 10.32 5.91
C ARG A 380 14.38 11.28 5.47
N LYS A 381 15.35 10.76 4.74
CA LYS A 381 16.41 11.63 4.23
C LYS A 381 15.95 12.44 3.03
N PHE A 382 14.81 12.08 2.46
CA PHE A 382 14.18 12.86 1.37
C PHE A 382 12.66 12.84 1.49
N THR A 383 12.02 13.84 0.90
CA THR A 383 10.58 14.00 1.00
C THR A 383 9.90 14.24 -0.33
N THR A 384 10.66 14.31 -1.42
CA THR A 384 10.06 14.42 -2.74
C THR A 384 10.66 13.36 -3.67
N PRO A 385 9.94 13.00 -4.75
CA PRO A 385 10.46 11.89 -5.56
C PRO A 385 11.76 12.26 -6.24
N GLU A 386 11.86 13.50 -6.72
CA GLU A 386 13.06 13.96 -7.40
C GLU A 386 14.26 13.84 -6.48
N GLU A 387 14.07 14.24 -5.22
CA GLU A 387 15.10 14.11 -4.20
C GLU A 387 15.46 12.66 -4.01
N GLY A 388 14.46 11.78 -4.00
CA GLY A 388 14.67 10.35 -3.86
C GLY A 388 15.53 9.73 -4.95
N VAL A 389 15.11 9.87 -6.20
CA VAL A 389 15.89 9.29 -7.29
C VAL A 389 17.25 9.98 -7.45
N ARG A 390 17.35 11.25 -7.06
CA ARG A 390 18.65 11.93 -7.05
C ARG A 390 19.62 11.14 -6.16
N SER A 391 19.10 10.70 -5.01
CA SER A 391 19.85 9.89 -4.08
C SER A 391 20.02 8.47 -4.59
N TYR A 392 18.91 7.84 -4.97
CA TYR A 392 18.97 6.47 -5.46
C TYR A 392 20.02 6.33 -6.55
N ALA A 393 19.80 7.05 -7.66
CA ALA A 393 20.70 7.07 -8.79
C ALA A 393 22.14 7.42 -8.45
N SER A 394 22.39 8.38 -7.55
CA SER A 394 23.78 8.64 -7.15
C SER A 394 24.50 7.45 -6.53
N THR A 395 23.83 6.73 -5.64
CA THR A 395 24.46 5.61 -4.96
C THR A 395 24.25 4.26 -5.68
N HIS A 396 23.19 4.14 -6.47
CA HIS A 396 22.83 2.86 -7.09
C HIS A 396 23.02 2.76 -8.60
N TRP A 397 23.73 3.72 -9.18
CA TRP A 397 24.08 3.72 -10.60
C TRP A 397 24.49 2.31 -11.11
N HIS A 398 25.23 1.56 -10.31
CA HIS A 398 25.70 0.25 -10.74
C HIS A 398 24.54 -0.62 -11.20
N THR A 399 23.42 -0.56 -10.47
CA THR A 399 22.34 -1.51 -10.73
C THR A 399 21.50 -1.17 -11.96
N LEU A 400 21.92 -0.18 -12.73
CA LEU A 400 21.09 0.32 -13.81
C LEU A 400 21.59 -0.09 -15.21
N GLY A 401 22.00 -1.35 -15.37
CA GLY A 401 22.61 -1.80 -16.63
C GLY A 401 24.05 -1.35 -16.76
N LYS A 402 24.89 -2.18 -17.38
CA LYS A 402 26.33 -1.93 -17.42
C LYS A 402 26.70 -0.57 -18.00
N ASN A 403 26.02 -0.18 -19.07
CA ASN A 403 26.42 0.99 -19.79
C ASN A 403 25.68 2.24 -19.36
N VAL A 404 24.36 2.17 -19.20
CA VAL A 404 23.71 3.37 -18.71
C VAL A 404 24.13 3.64 -17.26
N GLY A 405 24.12 2.58 -16.43
CA GLY A 405 24.57 2.70 -15.05
C GLY A 405 25.90 3.42 -14.91
N GLU A 406 26.77 3.20 -15.90
CA GLU A 406 28.07 3.88 -15.95
C GLU A 406 27.94 5.31 -16.45
N SER A 407 27.05 5.57 -17.39
CA SER A 407 26.92 6.92 -17.90
C SER A 407 26.24 7.82 -16.89
N ILE A 408 25.34 7.22 -16.11
CA ILE A 408 24.62 7.89 -15.05
C ILE A 408 25.60 8.25 -13.97
N ARG A 409 26.60 7.40 -13.77
CA ARG A 409 27.65 7.63 -12.78
C ARG A 409 28.44 8.89 -13.14
N GLU A 410 28.94 8.93 -14.38
CA GLU A 410 29.70 10.06 -14.88
C GLU A 410 28.90 11.37 -14.85
N TYR A 411 27.60 11.27 -15.08
CA TYR A 411 26.73 12.43 -15.01
C TYR A 411 25.28 12.06 -15.25
N PHE A 412 24.41 12.60 -14.40
CA PHE A 412 22.98 12.61 -14.62
C PHE A 412 22.41 13.84 -13.95
N GLU A 413 21.21 14.25 -14.33
CA GLU A 413 20.46 15.30 -13.63
C GLU A 413 18.94 14.98 -13.61
N ILE A 414 18.19 15.70 -12.78
CA ILE A 414 16.74 15.63 -12.87
C ILE A 414 16.17 16.90 -13.49
N ILE A 415 15.31 16.74 -14.49
CA ILE A 415 14.54 17.86 -14.97
C ILE A 415 13.08 17.59 -14.68
N SER A 416 12.37 18.62 -14.24
CA SER A 416 10.94 18.54 -13.96
C SER A 416 10.23 19.82 -14.41
N GLY A 417 8.93 19.68 -14.67
CA GLY A 417 8.09 20.80 -15.10
C GLY A 417 8.55 21.51 -16.35
N GLU A 418 8.19 22.78 -16.46
CA GLU A 418 8.42 23.55 -17.69
C GLU A 418 9.82 23.37 -18.33
N LYS A 419 10.86 23.26 -17.50
CA LYS A 419 12.21 23.05 -18.01
C LYS A 419 12.28 21.76 -18.83
N LEU A 420 11.59 20.73 -18.32
CA LEU A 420 11.53 19.41 -18.93
C LEU A 420 10.73 19.40 -20.22
N PHE A 421 9.77 20.33 -20.34
CA PHE A 421 8.87 20.38 -21.49
C PHE A 421 9.57 20.86 -22.76
N LYS A 422 10.64 21.64 -22.63
CA LYS A 422 11.41 22.02 -23.81
C LYS A 422 12.49 21.01 -24.17
N GLU A 423 12.31 19.76 -23.72
CA GLU A 423 13.19 18.64 -24.05
C GLU A 423 12.45 17.69 -24.97
N PRO A 424 13.18 16.96 -25.84
CA PRO A 424 12.53 16.16 -26.86
C PRO A 424 11.97 14.87 -26.30
N VAL A 425 11.07 15.00 -25.31
CA VAL A 425 10.46 13.86 -24.61
C VAL A 425 8.93 13.93 -24.52
N THR A 426 8.36 15.01 -25.05
CA THR A 426 6.93 15.32 -24.96
C THR A 426 6.05 14.21 -25.49
N ALA A 427 6.45 13.61 -26.60
CA ALA A 427 5.72 12.53 -27.22
C ALA A 427 5.51 11.38 -26.23
N GLU A 428 6.60 10.93 -25.61
CA GLU A 428 6.56 9.95 -24.51
C GLU A 428 5.66 10.42 -23.39
N LEU A 429 5.86 11.66 -22.94
CA LEU A 429 5.04 12.29 -21.89
C LEU A 429 3.56 12.18 -22.17
N CYS A 430 3.15 12.67 -23.35
CA CYS A 430 1.80 12.53 -23.84
C CYS A 430 1.35 11.08 -23.76
N GLU A 431 2.14 10.19 -24.36
CA GLU A 431 1.84 8.76 -24.42
C GLU A 431 1.69 8.15 -23.01
N MET A 432 2.62 8.50 -22.14
CA MET A 432 2.69 7.97 -20.78
C MET A 432 1.43 8.32 -20.00
N MET A 433 0.97 9.56 -20.18
CA MET A 433 -0.14 10.12 -19.40
C MET A 433 -1.51 9.90 -20.03
N GLY A 434 -1.55 9.26 -21.19
CA GLY A 434 -2.82 8.94 -21.84
C GLY A 434 -3.53 10.15 -22.43
N VAL A 435 -2.77 11.23 -22.55
CA VAL A 435 -3.23 12.46 -23.19
C VAL A 435 -3.99 12.11 -24.45
N LYS A 436 -5.18 12.67 -24.59
CA LYS A 436 -6.00 12.45 -25.80
C LYS A 436 -5.59 13.34 -26.98
N ASP A 437 -6.03 12.96 -28.18
CA ASP A 437 -5.98 13.80 -29.37
C ASP A 437 -4.65 14.48 -29.67
N CYS A 438 -3.55 13.76 -29.49
CA CYS A 438 -2.23 14.32 -29.78
C CYS A 438 -1.43 13.45 -30.74
N CYS A 439 -2.14 12.73 -31.61
CA CYS A 439 -1.52 12.03 -32.71
C CYS A 439 -2.33 12.30 -33.95
N CYS A 440 -1.70 12.13 -35.11
CA CYS A 440 -2.30 12.48 -36.39
C CYS A 440 -1.79 11.67 -37.61
N MET A 441 -2.45 11.88 -38.74
CA MET A 441 -2.17 11.23 -40.04
C MET A 441 -2.24 9.72 -39.94
N MET B 1 18.27 5.44 47.16
CA MET B 1 17.22 4.70 47.91
C MET B 1 16.96 3.32 47.30
N LYS B 2 17.04 2.29 48.15
CA LYS B 2 16.84 0.91 47.71
C LYS B 2 15.39 0.59 47.33
N VAL B 3 15.09 -0.70 47.24
CA VAL B 3 13.81 -1.21 46.73
C VAL B 3 12.61 -0.84 47.61
N GLU B 4 12.65 -1.26 48.87
CA GLU B 4 11.52 -1.10 49.80
C GLU B 4 11.33 0.35 50.26
N GLU B 5 12.39 1.15 50.12
CA GLU B 5 12.40 2.55 50.53
C GLU B 5 11.59 3.48 49.63
N ILE B 6 11.05 2.93 48.55
CA ILE B 6 10.20 3.69 47.65
C ILE B 6 8.72 3.48 47.97
N LEU B 7 8.40 2.31 48.52
CA LEU B 7 7.03 2.01 48.96
C LEU B 7 6.70 2.80 50.22
N GLU B 8 7.75 3.11 50.99
CA GLU B 8 7.66 3.88 52.24
C GLU B 8 7.12 5.28 51.99
N LYS B 9 7.77 6.02 51.09
CA LYS B 9 7.36 7.37 50.72
C LYS B 9 5.96 7.38 50.13
N ALA B 10 5.70 6.46 49.20
CA ALA B 10 4.43 6.35 48.48
C ALA B 10 3.22 6.20 49.41
N LEU B 11 3.47 5.69 50.61
CA LEU B 11 2.42 5.40 51.57
C LEU B 11 1.65 6.65 51.99
N GLU B 12 2.31 7.79 52.00
CA GLU B 12 1.67 9.06 52.36
C GLU B 12 0.68 9.52 51.30
N LEU B 13 0.90 9.10 50.06
CA LEU B 13 0.02 9.47 48.93
C LEU B 13 -1.11 8.47 48.71
N VAL B 14 -0.96 7.26 49.26
CA VAL B 14 -1.94 6.19 49.04
C VAL B 14 -2.80 5.83 50.27
N ILE B 15 -2.23 5.97 51.47
CA ILE B 15 -2.98 5.72 52.71
C ILE B 15 -3.71 6.97 53.19
N PRO B 16 -5.01 6.81 53.53
CA PRO B 16 -5.88 7.91 53.98
C PRO B 16 -5.54 8.39 55.38
N ASP B 17 -5.40 9.72 55.53
CA ASP B 17 -4.99 10.34 56.79
C ASP B 17 -6.05 10.24 57.90
N GLU B 18 -5.71 10.78 59.07
CA GLU B 18 -6.59 10.81 60.25
C GLU B 18 -7.97 11.34 59.91
N GLU B 19 -7.99 12.55 59.33
CA GLU B 19 -9.22 13.28 58.99
C GLU B 19 -10.13 12.47 58.08
N GLU B 20 -9.57 11.99 56.98
CA GLU B 20 -10.32 11.35 55.90
C GLU B 20 -11.14 10.14 56.33
N VAL B 21 -10.53 9.27 57.14
CA VAL B 21 -11.21 8.08 57.65
C VAL B 21 -12.29 8.43 58.68
N ARG B 22 -11.99 9.44 59.49
CA ARG B 22 -12.92 9.89 60.54
C ARG B 22 -14.19 10.53 59.98
N LYS B 23 -14.07 11.17 58.81
CA LYS B 23 -15.23 11.73 58.10
C LYS B 23 -16.04 10.61 57.45
N GLY B 24 -15.42 9.45 57.33
CA GLY B 24 -16.06 8.28 56.76
C GLY B 24 -16.93 7.57 57.77
N ARG B 25 -16.33 7.12 58.87
CA ARG B 25 -17.06 6.34 59.88
C ARG B 25 -18.34 7.02 60.36
N GLU B 26 -18.31 8.34 60.48
CA GLU B 26 -19.50 9.11 60.91
C GLU B 26 -20.52 9.26 59.77
N ALA B 27 -20.01 9.39 58.54
CA ALA B 27 -20.85 9.43 57.34
C ALA B 27 -21.40 8.04 57.02
N GLU B 28 -20.84 7.03 57.68
CA GLU B 28 -21.31 5.66 57.59
C GLU B 28 -22.42 5.40 58.64
N GLU B 29 -22.20 5.87 59.86
CA GLU B 29 -23.18 5.75 60.95
C GLU B 29 -24.47 6.47 60.59
N GLU B 30 -24.31 7.63 59.94
CA GLU B 30 -25.43 8.45 59.47
C GLU B 30 -26.24 7.69 58.43
N LEU B 31 -25.55 6.93 57.59
CA LEU B 31 -26.17 6.14 56.53
C LEU B 31 -26.94 4.92 57.02
N ARG B 32 -26.37 4.17 57.96
CA ARG B 32 -27.05 3.03 58.57
C ARG B 32 -28.35 3.50 59.22
N ARG B 33 -28.32 4.69 59.82
CA ARG B 33 -29.46 5.26 60.55
C ARG B 33 -30.67 5.60 59.67
N ARG B 34 -30.42 6.15 58.49
CA ARG B 34 -31.50 6.45 57.52
C ARG B 34 -32.06 5.17 56.90
N LEU B 35 -31.15 4.29 56.45
CA LEU B 35 -31.48 3.00 55.82
C LEU B 35 -32.22 2.02 56.74
N ASP B 36 -31.72 1.88 57.97
CA ASP B 36 -32.40 1.11 59.00
C ASP B 36 -33.79 1.68 59.19
N GLU B 37 -33.87 2.98 59.41
CA GLU B 37 -35.13 3.68 59.61
C GLU B 37 -36.11 3.48 58.45
N LEU B 38 -35.60 3.11 57.29
CA LEU B 38 -36.45 2.78 56.14
C LEU B 38 -36.85 1.31 56.08
N GLY B 39 -36.10 0.45 56.78
CA GLY B 39 -36.39 -0.99 56.84
C GLY B 39 -36.09 -1.77 55.58
N VAL B 40 -34.88 -1.60 55.05
CA VAL B 40 -34.43 -2.33 53.84
C VAL B 40 -33.28 -3.27 54.17
N GLU B 41 -33.28 -4.43 53.52
CA GLU B 41 -32.09 -5.27 53.47
C GLU B 41 -31.08 -4.60 52.56
N TYR B 42 -29.93 -4.27 53.13
CA TYR B 42 -28.85 -3.61 52.42
C TYR B 42 -27.54 -4.08 53.02
N VAL B 43 -26.46 -4.02 52.24
CA VAL B 43 -25.16 -4.42 52.75
C VAL B 43 -24.03 -3.65 52.07
N PHE B 44 -23.11 -3.15 52.89
CA PHE B 44 -21.99 -2.34 52.43
C PHE B 44 -20.94 -3.19 51.73
N VAL B 45 -20.51 -2.69 50.57
CA VAL B 45 -19.48 -3.35 49.76
C VAL B 45 -18.47 -2.32 49.27
N GLY B 46 -17.54 -2.76 48.44
CA GLY B 46 -16.57 -1.88 47.80
C GLY B 46 -15.39 -1.49 48.67
N SER B 47 -14.57 -0.59 48.13
CA SER B 47 -13.31 -0.19 48.75
C SER B 47 -13.46 0.27 50.20
N TYR B 48 -14.47 1.09 50.48
CA TYR B 48 -14.66 1.58 51.84
C TYR B 48 -14.99 0.45 52.83
N ALA B 49 -15.87 -0.46 52.41
CA ALA B 49 -16.27 -1.61 53.23
C ALA B 49 -15.14 -2.62 53.45
N ARG B 50 -14.09 -2.54 52.62
CA ARG B 50 -12.93 -3.41 52.76
C ARG B 50 -11.67 -2.66 53.20
N ASN B 51 -11.83 -1.40 53.59
CA ASN B 51 -10.74 -0.52 53.98
C ASN B 51 -9.63 -0.51 52.93
N THR B 52 -10.04 -0.50 51.66
CA THR B 52 -9.11 -0.65 50.54
C THR B 52 -9.23 0.47 49.52
N TRP B 53 -9.64 1.64 49.97
CA TRP B 53 -9.72 2.78 49.05
C TRP B 53 -8.44 3.58 49.13
N LEU B 54 -8.11 4.21 48.01
CA LEU B 54 -6.97 5.12 47.92
C LEU B 54 -7.28 6.44 48.63
N LYS B 55 -6.30 6.96 49.37
CA LYS B 55 -6.39 8.29 49.97
C LYS B 55 -6.87 9.35 48.98
N GLY B 56 -7.76 10.22 49.46
CA GLY B 56 -8.21 11.38 48.69
C GLY B 56 -9.49 11.14 47.91
N SER B 57 -9.60 9.96 47.31
CA SER B 57 -10.79 9.61 46.53
C SER B 57 -11.58 8.46 47.15
N LEU B 58 -12.45 8.81 48.10
CA LEU B 58 -13.25 7.86 48.85
C LEU B 58 -14.64 7.75 48.26
N GLU B 59 -15.18 6.54 48.22
CA GLU B 59 -16.54 6.31 47.76
C GLU B 59 -17.16 5.13 48.49
N ILE B 60 -18.25 5.41 49.23
CA ILE B 60 -18.93 4.36 50.00
C ILE B 60 -19.91 3.62 49.09
N ASP B 61 -19.84 2.29 49.11
CA ASP B 61 -20.75 1.47 48.32
C ASP B 61 -21.78 0.78 49.20
N VAL B 62 -23.06 1.06 48.92
CA VAL B 62 -24.20 0.45 49.62
C VAL B 62 -25.05 -0.33 48.63
N PHE B 63 -25.41 -1.56 48.98
CA PHE B 63 -26.21 -2.39 48.10
C PHE B 63 -27.59 -2.75 48.64
N LEU B 64 -28.61 -2.24 47.96
CA LEU B 64 -29.98 -2.61 48.25
C LEU B 64 -30.24 -4.04 47.78
N LEU B 65 -30.66 -4.89 48.72
CA LEU B 65 -31.06 -6.25 48.38
C LEU B 65 -32.58 -6.35 48.17
N PHE B 66 -32.97 -7.20 47.22
CA PHE B 66 -34.37 -7.42 46.87
C PHE B 66 -34.60 -8.91 46.57
N PRO B 67 -35.83 -9.42 46.82
CA PRO B 67 -36.22 -10.72 46.24
C PRO B 67 -35.98 -10.77 44.72
N GLU B 68 -35.82 -11.98 44.21
CA GLU B 68 -35.63 -12.23 42.79
C GLU B 68 -36.92 -11.95 41.99
N GLU B 69 -38.05 -11.97 42.69
CA GLU B 69 -39.39 -11.83 42.10
C GLU B 69 -39.63 -10.48 41.43
N PHE B 70 -38.88 -9.48 41.83
CA PHE B 70 -39.02 -8.12 41.29
C PHE B 70 -38.74 -8.10 39.79
N SER B 71 -39.59 -7.39 39.05
CA SER B 71 -39.40 -7.23 37.61
C SER B 71 -38.16 -6.37 37.38
N LYS B 72 -37.68 -6.33 36.15
CA LYS B 72 -36.56 -5.48 35.79
C LYS B 72 -36.87 -4.06 36.29
N GLU B 73 -38.07 -3.59 35.95
CA GLU B 73 -38.59 -2.27 36.37
C GLU B 73 -38.72 -2.08 37.90
N GLU B 74 -39.38 -3.03 38.58
CA GLU B 74 -39.61 -2.95 40.03
C GLU B 74 -38.34 -2.76 40.86
N LEU B 75 -37.32 -3.54 40.52
CA LEU B 75 -35.97 -3.41 41.08
C LEU B 75 -35.49 -1.97 40.98
N ARG B 76 -35.76 -1.37 39.82
CA ARG B 76 -35.29 -0.03 39.45
C ARG B 76 -36.04 1.08 40.20
N GLU B 77 -37.37 0.99 40.23
CA GLU B 77 -38.22 1.99 40.90
C GLU B 77 -37.89 2.20 42.37
N ARG B 78 -37.95 1.13 43.17
CA ARG B 78 -37.62 1.20 44.60
C ARG B 78 -36.16 1.59 44.80
N GLY B 79 -35.28 1.02 43.99
CA GLY B 79 -33.86 1.33 44.02
C GLY B 79 -33.56 2.81 43.95
N LEU B 80 -34.18 3.47 42.98
CA LEU B 80 -34.03 4.92 42.82
C LEU B 80 -34.69 5.70 43.95
N GLU B 81 -35.91 5.30 44.31
CA GLU B 81 -36.71 5.97 45.35
C GLU B 81 -36.04 5.91 46.72
N ILE B 82 -35.56 4.73 47.09
CA ILE B 82 -34.85 4.53 48.35
C ILE B 82 -33.55 5.34 48.34
N GLY B 83 -32.86 5.29 47.21
CA GLY B 83 -31.67 6.11 47.00
C GLY B 83 -31.93 7.57 47.29
N LYS B 84 -32.84 8.17 46.51
CA LYS B 84 -33.19 9.60 46.65
C LYS B 84 -33.50 9.96 48.10
N ALA B 85 -34.25 9.06 48.75
CA ALA B 85 -34.65 9.18 50.15
C ALA B 85 -33.47 9.25 51.10
N VAL B 86 -32.47 8.41 50.84
CA VAL B 86 -31.33 8.24 51.75
C VAL B 86 -30.25 9.33 51.65
N LEU B 87 -29.96 9.79 50.44
CA LEU B 87 -28.89 10.79 50.23
C LEU B 87 -29.32 12.23 50.53
N ASP B 88 -28.36 13.16 50.46
CA ASP B 88 -28.64 14.61 50.56
C ASP B 88 -28.93 15.15 49.16
N SER B 89 -27.95 15.81 48.56
CA SER B 89 -28.01 16.07 47.12
C SER B 89 -27.61 14.79 46.40
N TYR B 90 -28.26 14.52 45.26
CA TYR B 90 -28.11 13.24 44.57
C TYR B 90 -28.13 13.46 43.05
N GLU B 91 -27.77 12.42 42.32
CA GLU B 91 -27.64 12.50 40.86
C GLU B 91 -27.94 11.15 40.19
N ILE B 92 -28.67 11.19 39.09
CA ILE B 92 -28.88 9.98 38.30
C ILE B 92 -28.44 10.17 36.87
N ARG B 93 -27.54 9.30 36.44
CA ARG B 93 -27.06 9.22 35.08
C ARG B 93 -26.29 7.92 34.97
N TYR B 94 -26.89 6.94 34.31
CA TYR B 94 -26.26 5.65 34.12
C TYR B 94 -26.52 5.14 32.69
N ALA B 95 -25.78 4.12 32.28
CA ALA B 95 -25.89 3.61 30.93
C ALA B 95 -26.78 2.36 30.84
N GLU B 96 -26.71 1.49 31.85
CA GLU B 96 -27.67 0.37 31.94
C GLU B 96 -28.22 0.18 33.34
N HIS B 97 -27.40 -0.32 34.28
CA HIS B 97 -27.90 -0.65 35.63
C HIS B 97 -28.07 0.58 36.53
N PRO B 98 -29.31 0.83 36.96
CA PRO B 98 -29.70 2.02 37.72
C PRO B 98 -29.12 2.08 39.12
N TYR B 99 -28.35 3.13 39.38
CA TYR B 99 -27.92 3.43 40.74
C TYR B 99 -28.19 4.90 40.99
N VAL B 100 -27.79 5.39 42.16
CA VAL B 100 -27.90 6.81 42.46
C VAL B 100 -26.66 7.33 43.20
N HIS B 101 -25.99 8.30 42.57
CA HIS B 101 -24.78 8.90 43.10
C HIS B 101 -25.17 10.12 43.92
N GLY B 102 -24.48 10.33 45.04
CA GLY B 102 -24.82 11.42 45.95
C GLY B 102 -23.75 11.86 46.93
N VAL B 103 -24.20 12.62 47.94
CA VAL B 103 -23.33 13.24 48.95
C VAL B 103 -23.96 13.06 50.34
N VAL B 104 -23.14 12.71 51.34
CA VAL B 104 -23.57 12.71 52.75
C VAL B 104 -22.50 13.25 53.70
N LYS B 105 -22.92 14.10 54.63
CA LYS B 105 -22.03 14.82 55.55
C LYS B 105 -20.93 15.61 54.84
N GLY B 106 -20.67 15.25 53.58
CA GLY B 106 -19.65 15.88 52.77
C GLY B 106 -18.97 14.94 51.77
N VAL B 107 -19.21 13.64 51.91
CA VAL B 107 -18.54 12.63 51.07
C VAL B 107 -19.45 11.97 50.04
N GLU B 108 -18.81 11.51 48.96
CA GLU B 108 -19.50 10.90 47.82
C GLU B 108 -20.00 9.49 48.12
N VAL B 109 -21.21 9.19 47.64
CA VAL B 109 -21.83 7.89 47.91
C VAL B 109 -22.48 7.28 46.66
N ASP B 110 -22.49 5.95 46.61
CA ASP B 110 -23.21 5.19 45.60
C ASP B 110 -24.15 4.24 46.28
N VAL B 111 -25.40 4.24 45.85
CA VAL B 111 -26.35 3.25 46.33
C VAL B 111 -26.99 2.52 45.15
N VAL B 112 -26.70 1.22 45.09
CA VAL B 112 -27.08 0.39 43.96
C VAL B 112 -28.09 -0.69 44.39
N PRO B 113 -29.21 -0.79 43.66
CA PRO B 113 -30.10 -1.93 43.81
C PRO B 113 -29.50 -3.18 43.16
N CYS B 114 -29.94 -4.35 43.62
CA CYS B 114 -29.51 -5.66 43.07
C CYS B 114 -30.39 -6.78 43.63
N TYR B 115 -30.27 -7.97 43.06
CA TYR B 115 -31.04 -9.13 43.51
C TYR B 115 -30.25 -10.05 44.45
N LYS B 116 -30.92 -10.50 45.51
CA LYS B 116 -30.38 -11.48 46.47
C LYS B 116 -30.36 -12.87 45.82
N LEU B 117 -29.18 -13.28 45.35
CA LEU B 117 -29.01 -14.57 44.70
C LEU B 117 -28.48 -15.63 45.66
N LYS B 118 -28.78 -16.89 45.37
CA LYS B 118 -28.21 -18.00 46.12
C LYS B 118 -26.75 -18.21 45.75
N GLU B 119 -26.49 -18.14 44.44
CA GLU B 119 -25.15 -18.25 43.86
C GLU B 119 -25.03 -17.29 42.70
N PRO B 120 -23.83 -16.73 42.48
CA PRO B 120 -23.54 -15.93 41.29
C PRO B 120 -23.41 -16.75 40.00
N LYS B 121 -24.51 -17.42 39.64
CA LYS B 121 -24.61 -18.18 38.40
C LYS B 121 -26.02 -17.93 37.82
N ASN B 122 -26.09 -17.73 36.50
CA ASN B 122 -27.30 -17.19 35.86
C ASN B 122 -27.75 -15.90 36.55
N ILE B 123 -26.76 -15.04 36.75
CA ILE B 123 -26.87 -13.77 37.46
C ILE B 123 -27.95 -12.89 36.83
N LYS B 124 -28.95 -12.51 37.61
CA LYS B 124 -30.11 -11.77 37.09
C LYS B 124 -29.77 -10.34 36.68
N SER B 125 -29.41 -9.52 37.65
CA SER B 125 -29.01 -8.12 37.41
C SER B 125 -27.57 -8.04 36.97
N ALA B 126 -27.17 -6.83 36.55
CA ALA B 126 -25.82 -6.57 36.07
C ALA B 126 -24.73 -6.68 37.17
N VAL B 127 -25.02 -6.15 38.35
CA VAL B 127 -24.01 -5.96 39.40
C VAL B 127 -24.15 -6.93 40.58
N ASP B 128 -24.89 -8.01 40.37
CA ASP B 128 -25.20 -8.99 41.41
C ASP B 128 -23.99 -9.62 42.10
N ARG B 129 -22.83 -9.62 41.43
CA ARG B 129 -21.63 -10.27 41.95
C ARG B 129 -20.97 -9.52 43.10
N THR B 130 -21.20 -8.21 43.18
CA THR B 130 -20.52 -7.36 44.15
C THR B 130 -20.63 -7.76 45.63
N PRO B 131 -21.84 -8.09 46.12
CA PRO B 131 -21.90 -8.63 47.49
C PRO B 131 -21.12 -9.93 47.61
N PHE B 132 -21.26 -10.80 46.62
CA PHE B 132 -20.56 -12.08 46.62
C PHE B 132 -19.05 -11.96 46.37
N HIS B 133 -18.62 -10.79 45.88
CA HIS B 133 -17.21 -10.46 45.84
C HIS B 133 -16.73 -10.17 47.24
N HIS B 134 -17.44 -9.28 47.91
CA HIS B 134 -17.16 -8.88 49.27
C HIS B 134 -17.08 -10.06 50.25
N LYS B 135 -18.01 -11.02 50.11
CA LYS B 135 -18.10 -12.19 51.00
C LYS B 135 -16.86 -13.11 50.92
N TRP B 136 -16.16 -13.08 49.79
CA TRP B 136 -14.98 -13.94 49.58
C TRP B 136 -13.66 -13.22 49.85
N LEU B 137 -13.68 -11.90 49.68
CA LEU B 137 -12.47 -11.11 49.63
C LEU B 137 -12.18 -10.38 50.93
N GLU B 138 -13.21 -10.26 51.78
CA GLU B 138 -13.09 -9.60 53.07
C GLU B 138 -12.07 -10.31 53.97
N GLY B 139 -12.25 -11.63 54.12
CA GLY B 139 -11.43 -12.42 55.04
C GLY B 139 -10.13 -12.95 54.45
N ARG B 140 -9.82 -12.52 53.23
CA ARG B 140 -8.57 -12.93 52.56
C ARG B 140 -7.66 -11.72 52.32
N ILE B 141 -8.13 -10.54 52.67
CA ILE B 141 -7.38 -9.29 52.48
C ILE B 141 -7.08 -8.63 53.83
N LYS B 142 -7.75 -9.12 54.88
CA LYS B 142 -7.56 -8.65 56.24
C LYS B 142 -6.07 -8.56 56.60
N GLY B 143 -5.44 -7.41 56.30
CA GLY B 143 -4.06 -7.19 56.65
C GLY B 143 -3.13 -6.92 55.49
N LYS B 144 -3.55 -7.35 54.28
CA LYS B 144 -2.79 -7.05 53.08
C LYS B 144 -3.47 -5.97 52.26
N GLU B 145 -4.34 -5.21 52.93
CA GLU B 145 -5.09 -4.11 52.31
C GLU B 145 -4.21 -2.91 51.95
N ASN B 146 -2.96 -2.93 52.39
CA ASN B 146 -2.00 -1.91 51.99
C ASN B 146 -1.21 -2.29 50.75
N GLU B 147 -1.39 -3.53 50.30
CA GLU B 147 -0.73 -3.99 49.10
C GLU B 147 -1.52 -3.60 47.86
N VAL B 148 -2.84 -3.53 48.00
CA VAL B 148 -3.69 -2.95 46.95
C VAL B 148 -3.46 -1.45 46.84
N ARG B 149 -3.39 -0.78 48.00
CA ARG B 149 -3.21 0.66 48.04
C ARG B 149 -1.95 1.13 47.33
N LEU B 150 -0.85 0.38 47.47
CA LEU B 150 0.37 0.64 46.71
C LEU B 150 0.17 0.40 45.20
N LEU B 151 -0.60 -0.63 44.87
CA LEU B 151 -0.86 -0.97 43.47
C LEU B 151 -1.76 0.05 42.83
N LYS B 152 -2.75 0.52 43.59
CA LYS B 152 -3.74 1.47 43.11
C LYS B 152 -3.10 2.82 42.75
N GLY B 153 -2.29 3.37 43.65
CA GLY B 153 -1.64 4.65 43.42
C GLY B 153 -0.76 4.56 42.18
N PHE B 154 -0.04 3.44 42.09
CA PHE B 154 0.84 3.10 40.98
C PHE B 154 0.11 3.21 39.65
N LEU B 155 -1.01 2.50 39.55
CA LEU B 155 -1.83 2.47 38.34
C LEU B 155 -2.58 3.77 38.09
N LYS B 156 -2.96 4.45 39.16
CA LYS B 156 -3.74 5.68 39.03
C LYS B 156 -2.86 6.87 38.69
N ALA B 157 -1.57 6.78 39.02
CA ALA B 157 -0.61 7.80 38.61
C ALA B 157 -0.23 7.61 37.16
N ASN B 158 -0.54 6.41 36.64
CA ASN B 158 -0.28 6.06 35.25
C ASN B 158 -1.51 6.09 34.36
N GLY B 159 -2.60 6.63 34.89
CA GLY B 159 -3.86 6.73 34.15
C GLY B 159 -4.36 5.42 33.56
N ILE B 160 -3.90 4.28 34.11
CA ILE B 160 -4.37 2.95 33.70
C ILE B 160 -5.01 2.17 34.85
N TYR B 161 -5.68 2.91 35.74
CA TYR B 161 -6.53 2.31 36.75
C TYR B 161 -7.96 2.71 36.46
N GLY B 162 -8.85 1.73 36.36
CA GLY B 162 -10.25 1.99 36.04
C GLY B 162 -10.74 1.20 34.83
N ALA B 163 -11.70 0.31 35.06
CA ALA B 163 -12.20 -0.58 34.01
C ALA B 163 -13.13 0.09 33.00
N GLU B 164 -13.53 1.34 33.26
CA GLU B 164 -14.48 2.04 32.39
C GLU B 164 -13.86 2.49 31.06
N TYR B 165 -14.68 2.52 30.01
CA TYR B 165 -14.21 2.72 28.63
C TYR B 165 -13.40 3.99 28.36
N LYS B 166 -13.36 4.90 29.32
CA LYS B 166 -12.53 6.07 29.20
C LYS B 166 -11.08 5.69 29.53
N VAL B 167 -10.92 4.60 30.28
CA VAL B 167 -9.61 4.25 30.85
C VAL B 167 -9.10 2.90 30.37
N ARG B 168 -10.01 1.99 30.07
CA ARG B 168 -9.66 0.58 29.71
C ARG B 168 -8.54 -0.01 30.54
N GLY B 169 -8.56 0.27 31.83
CA GLY B 169 -7.50 -0.14 32.74
C GLY B 169 -7.88 -1.19 33.77
N PHE B 170 -7.16 -1.20 34.88
CA PHE B 170 -7.33 -2.21 35.90
C PHE B 170 -8.48 -1.89 36.83
N SER B 171 -9.39 -2.84 36.94
CA SER B 171 -10.49 -2.72 37.88
C SER B 171 -9.99 -2.75 39.32
N GLY B 172 -10.63 -1.99 40.20
CA GLY B 172 -10.32 -1.97 41.63
C GLY B 172 -10.34 -3.36 42.25
N TYR B 173 -11.41 -4.10 41.96
CA TYR B 173 -11.52 -5.52 42.33
C TYR B 173 -10.32 -6.34 41.81
N LEU B 174 -9.97 -6.19 40.53
CA LEU B 174 -8.85 -6.93 39.93
C LEU B 174 -7.54 -6.73 40.69
N CYS B 175 -7.29 -5.49 41.12
CA CYS B 175 -6.11 -5.17 41.91
C CYS B 175 -6.16 -5.90 43.25
N GLU B 176 -7.33 -5.93 43.88
CA GLU B 176 -7.51 -6.69 45.12
C GLU B 176 -7.20 -8.17 44.90
N LEU B 177 -7.65 -8.70 43.77
CA LEU B 177 -7.38 -10.09 43.37
C LEU B 177 -5.91 -10.36 43.06
N LEU B 178 -5.15 -9.32 42.71
CA LEU B 178 -3.74 -9.52 42.39
C LEU B 178 -2.90 -9.57 43.66
N ILE B 179 -3.44 -9.05 44.75
CA ILE B 179 -2.79 -9.17 46.03
C ILE B 179 -3.06 -10.53 46.64
N VAL B 180 -4.32 -10.98 46.58
CA VAL B 180 -4.68 -12.29 47.14
C VAL B 180 -4.02 -13.44 46.37
N PHE B 181 -3.71 -13.19 45.09
CA PHE B 181 -2.95 -14.15 44.30
C PHE B 181 -1.44 -14.08 44.62
N TYR B 182 -0.90 -12.87 44.70
CA TYR B 182 0.57 -12.69 44.78
C TYR B 182 1.15 -12.43 46.17
N GLY B 183 0.43 -11.70 47.01
CA GLY B 183 0.84 -11.49 48.39
C GLY B 183 1.42 -10.12 48.71
N SER B 184 2.01 -9.49 47.69
CA SER B 184 2.58 -8.15 47.84
C SER B 184 2.64 -7.44 46.51
N PHE B 185 2.49 -6.12 46.55
CA PHE B 185 2.60 -5.26 45.36
C PHE B 185 3.91 -5.50 44.62
N LEU B 186 4.99 -5.64 45.39
CA LEU B 186 6.32 -5.86 44.83
C LEU B 186 6.38 -7.18 44.04
N GLU B 187 5.94 -8.26 44.66
CA GLU B 187 5.91 -9.58 44.02
C GLU B 187 5.00 -9.57 42.78
N THR B 188 3.90 -8.83 42.88
CA THR B 188 2.98 -8.63 41.77
C THR B 188 3.73 -7.96 40.59
N VAL B 189 4.51 -6.93 40.92
CA VAL B 189 5.34 -6.25 39.95
C VAL B 189 6.39 -7.19 39.36
N LYS B 190 6.98 -8.04 40.20
CA LYS B 190 7.98 -9.00 39.75
C LYS B 190 7.46 -9.91 38.62
N ASN B 191 6.35 -10.61 38.86
CA ASN B 191 5.78 -11.53 37.86
C ASN B 191 5.21 -10.84 36.63
N ALA B 192 4.58 -9.69 36.84
CA ALA B 192 3.97 -8.94 35.74
C ALA B 192 4.84 -8.96 34.51
N ARG B 193 6.15 -8.76 34.70
CA ARG B 193 7.15 -8.74 33.63
C ARG B 193 7.04 -9.88 32.62
N ARG B 194 6.78 -11.10 33.11
CA ARG B 194 6.60 -12.25 32.23
C ARG B 194 5.11 -12.62 32.03
N TRP B 195 4.26 -11.59 32.06
CA TRP B 195 2.88 -11.70 31.61
C TRP B 195 2.85 -11.57 30.10
N THR B 196 1.99 -12.34 29.45
CA THR B 196 1.79 -12.24 28.00
C THR B 196 0.31 -12.11 27.70
N ARG B 197 -0.01 -11.70 26.48
CA ARG B 197 -1.41 -11.65 26.06
C ARG B 197 -2.07 -13.03 26.13
N ARG B 198 -1.24 -14.05 26.36
CA ARG B 198 -1.70 -15.45 26.40
C ARG B 198 -2.01 -15.91 27.83
N THR B 199 -1.71 -15.04 28.81
CA THR B 199 -1.85 -15.39 30.24
C THR B 199 -3.28 -15.61 30.70
N VAL B 200 -3.47 -16.67 31.48
CA VAL B 200 -4.71 -16.94 32.21
C VAL B 200 -4.34 -17.18 33.68
N ILE B 201 -4.70 -16.22 34.53
CA ILE B 201 -4.47 -16.33 35.97
C ILE B 201 -5.73 -16.91 36.61
N ASP B 202 -5.57 -18.01 37.34
CA ASP B 202 -6.69 -18.63 38.04
C ASP B 202 -6.60 -18.42 39.54
N VAL B 203 -7.33 -17.43 40.03
CA VAL B 203 -7.35 -17.10 41.45
C VAL B 203 -7.95 -18.26 42.24
N ALA B 204 -9.03 -18.84 41.69
CA ALA B 204 -9.72 -19.98 42.28
C ALA B 204 -8.77 -21.06 42.81
N LYS B 205 -7.80 -21.48 41.99
CA LYS B 205 -6.87 -22.55 42.38
C LYS B 205 -5.43 -22.06 42.55
N GLY B 206 -5.17 -20.79 42.24
CA GLY B 206 -3.84 -20.20 42.35
C GLY B 206 -2.85 -20.81 41.38
N GLU B 207 -3.16 -20.70 40.09
CA GLU B 207 -2.39 -21.35 39.02
C GLU B 207 -2.34 -20.49 37.75
N VAL B 208 -1.12 -20.13 37.33
CA VAL B 208 -0.91 -19.38 36.08
C VAL B 208 -1.11 -20.33 34.90
N ARG B 209 -1.53 -19.79 33.75
CA ARG B 209 -1.91 -20.62 32.60
C ARG B 209 -1.80 -19.87 31.27
N LYS B 210 -1.40 -20.57 30.22
CA LYS B 210 -1.39 -19.99 28.86
C LYS B 210 -2.60 -20.42 28.02
N GLY B 211 -3.78 -19.90 28.36
CA GLY B 211 -5.03 -20.28 27.71
C GLY B 211 -5.30 -19.53 26.42
N GLU B 212 -6.52 -19.01 26.31
CA GLU B 212 -6.97 -18.28 25.12
C GLU B 212 -6.23 -16.94 24.97
N GLU B 213 -6.89 -15.86 25.40
CA GLU B 213 -6.25 -14.56 25.55
C GLU B 213 -5.99 -14.28 27.05
N PHE B 214 -5.72 -13.02 27.41
CA PHE B 214 -5.60 -12.63 28.83
C PHE B 214 -6.93 -12.84 29.54
N PHE B 215 -6.87 -13.38 30.77
CA PHE B 215 -8.08 -13.78 31.51
C PHE B 215 -7.80 -13.91 32.99
N VAL B 216 -8.18 -12.91 33.78
CA VAL B 216 -8.17 -13.08 35.23
C VAL B 216 -9.54 -13.64 35.63
N VAL B 217 -9.55 -14.86 36.17
CA VAL B 217 -10.80 -15.50 36.57
C VAL B 217 -11.33 -14.92 37.88
N ASP B 218 -12.65 -14.86 38.01
CA ASP B 218 -13.28 -14.49 39.26
C ASP B 218 -13.54 -15.78 40.05
N PRO B 219 -12.92 -15.91 41.24
CA PRO B 219 -13.19 -17.09 42.07
C PRO B 219 -14.66 -17.14 42.50
N VAL B 220 -15.38 -16.05 42.27
CA VAL B 220 -16.81 -15.95 42.60
C VAL B 220 -17.69 -16.45 41.45
N ASP B 221 -17.35 -16.03 40.23
CA ASP B 221 -17.94 -16.57 39.01
C ASP B 221 -16.80 -16.95 38.08
N GLU B 222 -16.53 -18.25 38.00
CA GLU B 222 -15.40 -18.77 37.24
C GLU B 222 -15.36 -18.28 35.77
N LYS B 223 -16.52 -17.97 35.22
CA LYS B 223 -16.65 -17.64 33.81
C LYS B 223 -16.45 -16.13 33.51
N ARG B 224 -16.37 -15.30 34.56
CA ARG B 224 -16.04 -13.88 34.44
C ARG B 224 -14.61 -13.67 34.08
N ASN B 225 -14.37 -12.73 33.17
CA ASN B 225 -13.04 -12.19 33.03
C ASN B 225 -13.01 -10.88 33.82
N VAL B 226 -12.32 -10.89 34.95
CA VAL B 226 -12.19 -9.68 35.75
C VAL B 226 -11.33 -8.66 35.02
N ALA B 227 -10.52 -9.16 34.08
CA ALA B 227 -9.70 -8.32 33.24
C ALA B 227 -10.37 -8.05 31.91
N ALA B 228 -11.67 -8.29 31.84
CA ALA B 228 -12.43 -8.17 30.59
C ALA B 228 -12.15 -6.91 29.76
N ASN B 229 -11.99 -5.77 30.43
CA ASN B 229 -11.89 -4.52 29.69
C ASN B 229 -10.48 -3.90 29.61
N LEU B 230 -9.49 -4.58 30.17
CA LEU B 230 -8.12 -4.13 30.02
C LEU B 230 -7.73 -4.30 28.56
N SER B 231 -7.38 -3.20 27.91
CA SER B 231 -6.90 -3.24 26.52
C SER B 231 -5.59 -4.03 26.44
N LEU B 232 -5.32 -4.56 25.25
CA LEU B 232 -4.05 -5.20 24.97
C LEU B 232 -2.90 -4.19 25.13
N ASP B 233 -3.11 -2.97 24.64
CA ASP B 233 -2.13 -1.92 24.78
C ASP B 233 -1.96 -1.49 26.21
N ASN B 234 -3.06 -1.34 26.94
CA ASN B 234 -2.96 -0.96 28.34
C ASN B 234 -2.34 -2.05 29.19
N LEU B 235 -2.56 -3.30 28.82
CA LEU B 235 -1.81 -4.39 29.44
C LEU B 235 -0.34 -4.13 29.18
N ALA B 236 0.00 -3.99 27.90
CA ALA B 236 1.36 -3.78 27.44
C ALA B 236 2.07 -2.65 28.19
N ARG B 237 1.32 -1.62 28.57
CA ARG B 237 1.88 -0.50 29.31
C ARG B 237 2.21 -0.88 30.75
N PHE B 238 1.32 -1.66 31.38
CA PHE B 238 1.55 -2.10 32.75
C PHE B 238 2.77 -3.02 32.85
N VAL B 239 2.87 -3.97 31.93
CA VAL B 239 3.96 -4.96 31.97
C VAL B 239 5.31 -4.32 31.64
N HIS B 240 5.29 -3.28 30.82
CA HIS B 240 6.52 -2.54 30.53
C HIS B 240 6.85 -1.68 31.74
N LEU B 241 5.80 -1.11 32.33
CA LEU B 241 5.90 -0.28 33.52
C LEU B 241 6.61 -1.03 34.65
N CYS B 242 6.15 -2.24 34.93
CA CYS B 242 6.72 -3.10 35.97
C CYS B 242 8.16 -3.52 35.69
N ARG B 243 8.53 -3.59 34.40
CA ARG B 243 9.91 -3.85 33.98
C ARG B 243 10.80 -2.64 34.26
N GLU B 244 10.25 -1.44 34.03
CA GLU B 244 10.98 -0.22 34.27
C GLU B 244 11.18 0.03 35.76
N PHE B 245 10.11 -0.11 36.54
CA PHE B 245 10.19 0.02 38.00
C PHE B 245 11.18 -0.95 38.65
N MET B 246 11.17 -2.21 38.23
CA MET B 246 12.08 -3.22 38.76
C MET B 246 13.54 -2.94 38.44
N GLU B 247 13.83 -2.34 37.29
CA GLU B 247 15.21 -2.08 36.91
C GLU B 247 15.71 -0.71 37.35
N ALA B 248 14.79 0.25 37.51
CA ALA B 248 15.14 1.58 38.01
C ALA B 248 14.00 2.22 38.81
N PRO B 249 13.81 1.78 40.09
CA PRO B 249 12.65 2.18 40.91
C PRO B 249 12.70 3.62 41.40
N SER B 250 11.58 4.31 41.26
CA SER B 250 11.48 5.72 41.65
C SER B 250 10.08 6.02 42.23
N LEU B 251 9.97 7.13 42.95
CA LEU B 251 8.68 7.61 43.45
C LEU B 251 7.89 8.27 42.32
N GLY B 252 8.60 8.69 41.27
CA GLY B 252 7.98 9.26 40.07
C GLY B 252 6.95 8.34 39.45
N PHE B 253 7.07 7.05 39.75
CA PHE B 253 6.10 6.04 39.30
C PHE B 253 4.81 6.11 40.11
N PHE B 254 4.70 7.10 40.98
CA PHE B 254 3.50 7.29 41.84
C PHE B 254 3.00 8.72 41.80
N LYS B 255 3.83 9.62 41.29
CA LYS B 255 3.46 11.02 41.08
C LYS B 255 2.64 11.10 39.80
N PRO B 256 1.42 11.66 39.89
CA PRO B 256 0.63 11.91 38.67
C PRO B 256 1.02 13.23 37.98
N LYS B 257 1.96 13.17 37.04
CA LYS B 257 2.42 14.36 36.30
C LYS B 257 1.29 15.03 35.55
N HIS B 258 1.27 16.36 35.59
CA HIS B 258 0.15 17.14 35.05
C HIS B 258 0.36 17.57 33.59
N PRO B 259 -0.45 16.98 32.67
CA PRO B 259 -0.33 17.10 31.20
C PRO B 259 0.29 18.43 30.79
N LEU B 260 1.49 18.35 30.21
CA LEU B 260 2.27 19.54 29.83
C LEU B 260 1.46 20.59 29.06
N GLU B 261 1.68 21.85 29.44
CA GLU B 261 0.97 22.99 28.86
C GLU B 261 1.68 23.53 27.61
N ILE B 262 2.40 22.65 26.92
CA ILE B 262 3.06 22.99 25.65
C ILE B 262 2.29 24.07 24.89
N GLU B 263 2.97 25.18 24.59
CA GLU B 263 2.32 26.33 23.96
C GLU B 263 1.81 25.99 22.55
N PRO B 264 0.76 26.71 22.09
CA PRO B 264 0.25 26.52 20.73
C PRO B 264 1.32 26.80 19.68
N GLU B 265 2.27 27.66 20.02
CA GLU B 265 3.35 27.99 19.12
C GLU B 265 4.33 26.83 18.96
N ARG B 266 4.68 26.17 20.07
CA ARG B 266 5.71 25.12 20.06
C ARG B 266 5.38 23.97 19.11
N LEU B 267 4.20 23.40 19.23
CA LEU B 267 3.89 22.23 18.42
C LEU B 267 3.47 22.57 16.98
N ARG B 268 3.02 23.80 16.76
CA ARG B 268 2.87 24.31 15.39
C ARG B 268 4.19 24.16 14.66
N LYS B 269 5.28 24.33 15.40
CA LYS B 269 6.62 24.17 14.87
C LYS B 269 6.95 22.70 14.68
N ILE B 270 6.62 21.90 15.69
CA ILE B 270 6.91 20.46 15.67
C ILE B 270 6.13 19.79 14.57
N VAL B 271 4.87 20.15 14.45
CA VAL B 271 4.05 19.60 13.38
C VAL B 271 4.58 20.03 12.02
N GLU B 272 5.04 21.27 11.93
CA GLU B 272 5.60 21.73 10.67
C GLU B 272 6.99 21.11 10.44
N GLU B 273 7.72 20.87 11.53
CA GLU B 273 8.98 20.12 11.46
C GLU B 273 8.76 18.69 10.98
N ARG B 274 7.66 18.07 11.40
CA ARG B 274 7.31 16.73 10.96
C ARG B 274 6.77 16.72 9.54
N GLY B 275 6.30 17.88 9.06
CA GLY B 275 5.76 18.01 7.71
C GLY B 275 4.55 17.12 7.38
N THR B 276 3.71 16.86 8.38
CA THR B 276 2.54 15.99 8.24
C THR B 276 1.26 16.77 8.23
N ALA B 277 0.21 16.21 7.64
CA ALA B 277 -1.10 16.82 7.71
C ALA B 277 -1.72 16.44 9.04
N VAL B 278 -1.94 17.44 9.92
CA VAL B 278 -2.59 17.19 11.22
C VAL B 278 -3.81 18.09 11.49
N PHE B 279 -4.98 17.45 11.46
CA PHE B 279 -6.27 18.12 11.53
C PHE B 279 -7.17 17.37 12.49
N ALA B 280 -8.32 17.97 12.78
CA ALA B 280 -9.31 17.39 13.69
C ALA B 280 -10.74 17.62 13.20
N VAL B 281 -11.64 16.67 13.50
CA VAL B 281 -13.06 16.85 13.22
C VAL B 281 -13.72 17.37 14.48
N LYS B 282 -14.23 18.58 14.46
CA LYS B 282 -14.85 19.18 15.64
C LYS B 282 -16.37 19.17 15.50
N PHE B 283 -17.06 18.65 16.51
CA PHE B 283 -18.49 18.59 16.50
C PHE B 283 -19.04 18.67 17.92
N ARG B 284 -20.33 18.99 18.06
CA ARG B 284 -20.93 19.15 19.38
C ARG B 284 -21.04 17.80 20.08
N LYS B 285 -20.73 17.77 21.37
CA LYS B 285 -20.67 16.55 22.13
C LYS B 285 -22.06 16.14 22.59
N PRO B 286 -22.52 14.95 22.20
CA PRO B 286 -23.82 14.43 22.63
C PRO B 286 -23.98 14.34 24.14
N ASP B 287 -25.16 14.68 24.64
CA ASP B 287 -25.41 14.67 26.07
C ASP B 287 -25.66 13.24 26.54
N ILE B 288 -24.62 12.43 26.49
CA ILE B 288 -24.65 11.06 27.01
C ILE B 288 -23.51 10.79 28.01
N VAL B 289 -23.76 9.90 28.96
CA VAL B 289 -22.72 9.46 29.90
C VAL B 289 -21.44 8.96 29.19
N ASP B 290 -20.33 8.94 29.91
CA ASP B 290 -19.04 8.56 29.34
C ASP B 290 -19.02 7.18 28.68
N ASP B 291 -19.66 6.23 29.35
CA ASP B 291 -19.62 4.83 28.94
C ASP B 291 -20.33 4.55 27.62
N ASN B 292 -21.20 5.46 27.21
CA ASN B 292 -21.79 5.35 25.89
C ASN B 292 -21.04 6.23 24.88
N LEU B 293 -20.22 7.15 25.40
CA LEU B 293 -19.57 8.16 24.56
C LEU B 293 -18.25 7.67 24.03
N TYR B 294 -17.34 7.30 24.94
CA TYR B 294 -16.00 6.95 24.52
C TYR B 294 -15.94 5.78 23.51
N PRO B 295 -16.73 4.70 23.72
CA PRO B 295 -16.77 3.68 22.68
C PRO B 295 -17.21 4.24 21.32
N GLN B 296 -18.04 5.27 21.32
CA GLN B 296 -18.52 5.83 20.07
C GLN B 296 -17.47 6.71 19.41
N LEU B 297 -16.64 7.35 20.23
CA LEU B 297 -15.52 8.16 19.75
C LEU B 297 -14.42 7.27 19.23
N GLU B 298 -14.25 6.10 19.88
CA GLU B 298 -13.32 5.09 19.39
C GLU B 298 -13.70 4.68 17.97
N ARG B 299 -14.99 4.33 17.81
CA ARG B 299 -15.49 3.81 16.56
C ARG B 299 -15.41 4.85 15.48
N ALA B 300 -15.95 6.03 15.78
CA ALA B 300 -15.93 7.16 14.87
C ALA B 300 -14.54 7.28 14.31
N SER B 301 -13.58 7.46 15.21
CA SER B 301 -12.19 7.64 14.81
C SER B 301 -11.60 6.45 14.06
N ARG B 302 -11.90 5.22 14.50
CA ARG B 302 -11.35 4.05 13.83
C ARG B 302 -11.75 4.09 12.36
N LYS B 303 -13.04 4.34 12.14
CA LYS B 303 -13.64 4.31 10.83
C LYS B 303 -13.02 5.34 9.93
N ILE B 304 -12.83 6.55 10.44
CA ILE B 304 -12.20 7.59 9.64
C ILE B 304 -10.75 7.24 9.36
N PHE B 305 -10.04 6.69 10.35
CA PHE B 305 -8.65 6.30 10.15
C PHE B 305 -8.52 5.27 9.03
N GLU B 306 -9.44 4.30 9.04
CA GLU B 306 -9.48 3.28 8.01
C GLU B 306 -9.86 3.84 6.64
N PHE B 307 -10.69 4.89 6.63
CA PHE B 307 -10.96 5.61 5.40
C PHE B 307 -9.66 6.17 4.88
N LEU B 308 -9.00 6.96 5.72
CA LEU B 308 -7.74 7.58 5.40
C LEU B 308 -6.74 6.63 4.78
N GLU B 309 -6.52 5.48 5.40
CA GLU B 309 -5.53 4.54 4.85
C GLU B 309 -5.96 4.09 3.47
N ARG B 310 -7.18 3.57 3.37
CA ARG B 310 -7.65 3.10 2.07
C ARG B 310 -7.69 4.18 1.01
N GLU B 311 -7.65 5.45 1.43
CA GLU B 311 -7.63 6.55 0.47
C GLU B 311 -6.24 7.04 0.12
N ASN B 312 -5.23 6.34 0.65
CA ASN B 312 -3.79 6.61 0.37
C ASN B 312 -3.24 7.91 0.93
N PHE B 313 -3.76 8.29 2.09
CA PHE B 313 -3.25 9.46 2.80
C PHE B 313 -2.19 9.08 3.83
N MET B 314 -2.04 7.78 4.04
CA MET B 314 -1.04 7.22 4.94
C MET B 314 -1.09 7.83 6.36
N PRO B 315 -2.15 7.50 7.12
CA PRO B 315 -2.30 8.12 8.43
C PRO B 315 -1.30 7.49 9.36
N LEU B 316 -0.87 8.24 10.37
CA LEU B 316 0.05 7.72 11.35
C LEU B 316 -0.70 7.20 12.56
N ARG B 317 -1.45 8.10 13.18
CA ARG B 317 -2.16 7.83 14.42
C ARG B 317 -3.44 8.64 14.47
N SER B 318 -4.27 8.33 15.45
CA SER B 318 -5.45 9.12 15.77
C SER B 318 -5.61 9.22 17.27
N ALA B 319 -6.60 9.99 17.68
CA ALA B 319 -6.86 10.30 19.08
C ALA B 319 -8.17 11.05 19.09
N PHE B 320 -8.71 11.29 20.28
CA PHE B 320 -9.95 12.07 20.40
C PHE B 320 -10.02 12.77 21.74
N LYS B 321 -10.93 13.73 21.84
CA LYS B 321 -11.04 14.56 23.03
C LYS B 321 -12.49 14.95 23.28
N ALA B 322 -12.92 14.79 24.52
CA ALA B 322 -14.24 15.23 24.87
C ALA B 322 -14.13 16.42 25.83
N SER B 323 -14.74 17.54 25.47
CA SER B 323 -14.73 18.73 26.33
C SER B 323 -16.12 19.07 26.86
N GLU B 324 -16.26 20.24 27.47
CA GLU B 324 -17.58 20.77 27.84
C GLU B 324 -18.65 20.45 26.80
N GLU B 325 -18.65 21.21 25.70
CA GLU B 325 -19.68 21.08 24.66
C GLU B 325 -19.22 20.47 23.34
N PHE B 326 -17.94 20.15 23.23
CA PHE B 326 -17.38 19.69 21.97
C PHE B 326 -16.63 18.37 22.02
N CYS B 327 -16.57 17.69 20.87
CA CYS B 327 -15.75 16.51 20.69
C CYS B 327 -14.82 16.71 19.52
N TYR B 328 -13.63 16.10 19.62
CA TYR B 328 -12.57 16.27 18.66
C TYR B 328 -12.01 14.94 18.22
N LEU B 329 -12.12 14.62 16.93
CA LEU B 329 -11.41 13.47 16.41
C LEU B 329 -10.14 13.95 15.68
N LEU B 330 -8.98 13.60 16.24
CA LEU B 330 -7.68 14.02 15.74
C LEU B 330 -7.02 12.98 14.86
N PHE B 331 -6.35 13.46 13.82
CA PHE B 331 -5.60 12.60 12.91
C PHE B 331 -4.30 13.27 12.47
N GLU B 332 -3.30 12.43 12.20
CA GLU B 332 -2.09 12.89 11.52
C GLU B 332 -1.74 12.01 10.32
N CYS B 333 -1.43 12.66 9.19
CA CYS B 333 -1.25 11.97 7.92
C CYS B 333 0.05 12.31 7.22
N GLN B 334 0.68 11.29 6.67
CA GLN B 334 1.93 11.48 6.00
C GLN B 334 1.74 12.33 4.75
N ILE B 335 0.57 12.20 4.12
CA ILE B 335 0.29 12.89 2.85
C ILE B 335 -0.61 14.11 3.03
N LYS B 336 -0.10 15.29 2.68
CA LYS B 336 -0.86 16.54 2.81
C LYS B 336 -1.72 16.77 1.60
N GLU B 337 -1.28 16.20 0.48
CA GLU B 337 -1.94 16.39 -0.79
C GLU B 337 -1.50 15.31 -1.76
N ILE B 338 -2.49 14.64 -2.35
CA ILE B 338 -2.25 13.59 -3.32
C ILE B 338 -2.71 14.06 -4.70
N SER B 339 -2.11 13.50 -5.75
CA SER B 339 -2.45 13.91 -7.11
C SER B 339 -3.93 13.63 -7.38
N ARG B 340 -4.43 14.26 -8.44
CA ARG B 340 -5.84 14.18 -8.79
C ARG B 340 -6.11 12.92 -9.58
N VAL B 341 -5.17 12.55 -10.43
CA VAL B 341 -5.28 11.30 -11.20
C VAL B 341 -4.78 10.09 -10.39
N PHE B 342 -5.50 8.97 -10.52
CA PHE B 342 -5.05 7.69 -9.96
C PHE B 342 -5.27 6.54 -10.95
N ARG B 343 -4.91 5.31 -10.57
CA ARG B 343 -5.06 4.16 -11.46
C ARG B 343 -6.21 3.28 -11.02
N ARG B 344 -7.09 2.92 -11.95
CA ARG B 344 -8.08 1.87 -11.72
C ARG B 344 -7.68 0.64 -12.51
N MET B 345 -7.83 -0.52 -11.90
CA MET B 345 -7.42 -1.75 -12.55
C MET B 345 -8.50 -2.23 -13.51
N GLY B 346 -8.11 -2.56 -14.74
CA GLY B 346 -9.05 -3.11 -15.71
C GLY B 346 -9.00 -4.63 -15.76
N PRO B 347 -9.65 -5.24 -16.77
CA PRO B 347 -9.55 -6.69 -16.92
C PRO B 347 -8.47 -7.11 -17.94
N GLN B 348 -8.04 -8.37 -17.86
CA GLN B 348 -7.08 -8.95 -18.80
C GLN B 348 -7.59 -8.82 -20.23
N PHE B 349 -6.73 -8.41 -21.16
CA PHE B 349 -7.12 -8.24 -22.57
C PHE B 349 -8.01 -9.35 -23.19
N GLU B 350 -7.80 -10.60 -22.77
CA GLU B 350 -8.51 -11.73 -23.34
C GLU B 350 -10.03 -11.57 -23.20
N ASP B 351 -10.47 -11.06 -22.05
CA ASP B 351 -11.88 -10.89 -21.76
C ASP B 351 -12.54 -9.76 -22.56
N GLU B 352 -12.91 -10.06 -23.80
CA GLU B 352 -13.44 -9.06 -24.73
C GLU B 352 -14.62 -8.25 -24.16
N ARG B 353 -15.53 -8.94 -23.47
CA ARG B 353 -16.77 -8.33 -23.05
C ARG B 353 -16.56 -7.35 -21.90
N ASN B 354 -15.61 -7.65 -21.03
CA ASN B 354 -15.39 -6.78 -19.90
C ASN B 354 -14.45 -5.67 -20.26
N VAL B 355 -13.57 -5.95 -21.21
CA VAL B 355 -12.73 -4.91 -21.75
C VAL B 355 -13.58 -3.85 -22.44
N LYS B 356 -14.58 -4.29 -23.23
CA LYS B 356 -15.43 -3.37 -23.98
C LYS B 356 -16.20 -2.39 -23.09
N LYS B 357 -16.70 -2.89 -21.96
CA LYS B 357 -17.44 -2.09 -20.99
C LYS B 357 -16.51 -1.15 -20.22
N PHE B 358 -15.33 -1.65 -19.88
CA PHE B 358 -14.35 -0.89 -19.15
C PHE B 358 -13.86 0.27 -20.01
N LEU B 359 -13.71 0.05 -21.31
CA LEU B 359 -13.28 1.11 -22.24
C LEU B 359 -14.39 2.10 -22.58
N SER B 360 -15.65 1.68 -22.41
CA SER B 360 -16.79 2.51 -22.77
C SER B 360 -17.06 3.62 -21.76
N ARG B 361 -16.46 3.51 -20.57
CA ARG B 361 -16.67 4.49 -19.50
C ARG B 361 -15.93 5.77 -19.86
N ASN B 362 -16.63 6.91 -19.80
CA ASN B 362 -16.03 8.21 -20.13
C ASN B 362 -14.95 8.67 -19.16
N ARG B 363 -13.75 8.90 -19.67
CA ARG B 363 -12.65 9.39 -18.86
C ARG B 363 -11.95 10.50 -19.57
N ALA B 364 -10.96 11.09 -18.93
CA ALA B 364 -10.21 12.20 -19.52
C ALA B 364 -8.96 11.77 -20.28
N PHE B 365 -8.47 10.56 -20.01
CA PHE B 365 -7.21 10.08 -20.56
C PHE B 365 -7.40 8.68 -21.12
N ARG B 366 -6.74 8.39 -22.25
CA ARG B 366 -6.78 7.07 -22.88
C ARG B 366 -6.35 6.04 -21.85
N PRO B 367 -7.09 4.93 -21.72
CA PRO B 367 -6.66 3.77 -20.92
C PRO B 367 -5.44 3.09 -21.55
N PHE B 368 -4.73 2.27 -20.79
CA PHE B 368 -3.54 1.64 -21.33
C PHE B 368 -3.45 0.18 -20.94
N ILE B 369 -2.58 -0.58 -21.60
CA ILE B 369 -2.30 -1.92 -21.16
C ILE B 369 -0.98 -1.92 -20.44
N GLU B 370 -0.95 -2.66 -19.33
CA GLU B 370 0.28 -2.94 -18.60
C GLU B 370 0.22 -4.36 -18.06
N ASN B 371 1.27 -5.14 -18.33
CA ASN B 371 1.40 -6.51 -17.82
C ASN B 371 0.23 -7.41 -18.10
N GLY B 372 -0.40 -7.26 -19.24
CA GLY B 372 -1.45 -8.17 -19.63
C GLY B 372 -2.83 -7.56 -19.55
N ARG B 373 -3.01 -6.59 -18.66
CA ARG B 373 -4.33 -6.06 -18.42
C ARG B 373 -4.49 -4.57 -18.61
N TRP B 374 -5.74 -4.16 -18.76
CA TRP B 374 -6.09 -2.79 -18.96
C TRP B 374 -5.98 -2.02 -17.64
N TRP B 375 -5.68 -0.72 -17.77
CA TRP B 375 -5.69 0.20 -16.63
C TRP B 375 -6.23 1.53 -17.10
N ALA B 376 -6.74 2.30 -16.16
CA ALA B 376 -7.35 3.58 -16.42
C ALA B 376 -6.96 4.62 -15.38
N PHE B 377 -6.67 5.82 -15.87
CA PHE B 377 -6.48 6.98 -15.06
C PHE B 377 -7.84 7.54 -14.70
N GLU B 378 -8.06 7.86 -13.43
CA GLU B 378 -9.32 8.45 -13.00
C GLU B 378 -9.04 9.61 -12.08
N MET B 379 -9.95 10.58 -12.05
CA MET B 379 -9.78 11.79 -11.25
C MET B 379 -10.47 11.64 -9.90
N ARG B 380 -9.73 11.83 -8.81
CA ARG B 380 -10.28 11.81 -7.48
C ARG B 380 -11.28 12.95 -7.31
N LYS B 381 -12.15 12.83 -6.31
CA LYS B 381 -13.06 13.92 -5.97
C LYS B 381 -12.42 14.97 -5.04
N PHE B 382 -11.42 14.57 -4.27
CA PHE B 382 -10.75 15.44 -3.31
C PHE B 382 -9.26 15.17 -3.39
N THR B 383 -8.42 16.15 -3.08
CA THR B 383 -6.97 15.93 -3.16
C THR B 383 -6.24 16.08 -1.83
N THR B 384 -6.95 16.38 -0.76
CA THR B 384 -6.32 16.57 0.54
C THR B 384 -7.06 15.72 1.56
N PRO B 385 -6.37 15.27 2.62
CA PRO B 385 -7.06 14.42 3.58
C PRO B 385 -8.19 15.17 4.27
N GLU B 386 -8.09 16.49 4.33
CA GLU B 386 -9.13 17.31 4.92
C GLU B 386 -10.38 17.30 4.04
N GLU B 387 -10.22 17.61 2.75
CA GLU B 387 -11.34 17.51 1.79
C GLU B 387 -11.89 16.11 1.94
N GLY B 388 -10.96 15.16 2.06
CA GLY B 388 -11.24 13.75 2.29
C GLY B 388 -12.26 13.49 3.38
N VAL B 389 -11.89 13.73 4.64
CA VAL B 389 -12.81 13.37 5.72
C VAL B 389 -14.08 14.22 5.74
N ARG B 390 -14.03 15.45 5.22
CA ARG B 390 -15.24 16.28 5.07
C ARG B 390 -16.24 15.50 4.26
N SER B 391 -15.76 14.92 3.16
CA SER B 391 -16.60 14.16 2.27
C SER B 391 -17.08 12.86 2.92
N TYR B 392 -16.19 12.21 3.65
CA TYR B 392 -16.51 10.93 4.31
C TYR B 392 -17.51 11.10 5.46
N ALA B 393 -17.20 12.01 6.37
CA ALA B 393 -18.06 12.31 7.51
C ALA B 393 -19.45 12.77 7.06
N SER B 394 -19.47 13.53 5.97
CA SER B 394 -20.72 13.97 5.38
C SER B 394 -21.60 12.80 5.00
N THR B 395 -21.02 11.79 4.38
CA THR B 395 -21.81 10.73 3.76
C THR B 395 -22.00 9.54 4.67
N HIS B 396 -21.06 9.35 5.58
CA HIS B 396 -21.01 8.14 6.38
C HIS B 396 -21.24 8.43 7.85
N TRP B 397 -21.87 9.56 8.15
CA TRP B 397 -22.16 9.98 9.52
C TRP B 397 -22.75 8.85 10.40
N HIS B 398 -23.58 8.02 9.79
CA HIS B 398 -24.33 6.94 10.46
C HIS B 398 -23.45 5.80 10.95
N THR B 399 -22.34 5.58 10.27
CA THR B 399 -21.46 4.49 10.68
C THR B 399 -20.50 4.93 11.82
N LEU B 400 -20.59 6.20 12.20
CA LEU B 400 -19.65 6.81 13.15
C LEU B 400 -20.15 6.81 14.58
N GLY B 401 -20.77 5.70 14.99
CA GLY B 401 -21.35 5.60 16.33
C GLY B 401 -22.74 6.22 16.36
N LYS B 402 -23.64 5.61 17.14
CA LYS B 402 -25.03 6.02 17.21
C LYS B 402 -25.23 7.52 17.39
N ASN B 403 -24.56 8.08 18.40
CA ASN B 403 -24.82 9.46 18.80
C ASN B 403 -23.87 10.46 18.19
N VAL B 404 -22.57 10.15 18.21
CA VAL B 404 -21.59 11.00 17.53
C VAL B 404 -21.96 11.14 16.09
N GLY B 405 -22.51 10.07 15.51
CA GLY B 405 -23.00 10.07 14.15
C GLY B 405 -24.13 11.06 13.90
N GLU B 406 -25.13 11.04 14.79
CA GLU B 406 -26.21 12.01 14.73
C GLU B 406 -25.62 13.41 14.77
N SER B 407 -24.67 13.61 15.67
CA SER B 407 -24.05 14.92 15.91
C SER B 407 -23.29 15.42 14.68
N ILE B 408 -22.44 14.56 14.12
CA ILE B 408 -21.72 14.87 12.89
C ILE B 408 -22.71 15.16 11.78
N ARG B 409 -23.83 14.45 11.77
CA ARG B 409 -24.83 14.67 10.75
C ARG B 409 -25.37 16.11 10.78
N GLU B 410 -25.67 16.63 11.97
CA GLU B 410 -26.10 18.02 12.12
C GLU B 410 -25.02 18.97 11.67
N TYR B 411 -23.84 18.84 12.25
CA TYR B 411 -22.77 19.81 12.05
C TYR B 411 -21.43 19.30 12.51
N PHE B 412 -20.39 19.72 11.78
CA PHE B 412 -19.01 19.52 12.15
C PHE B 412 -18.17 20.46 11.32
N GLU B 413 -16.99 20.78 11.83
CA GLU B 413 -16.00 21.47 11.04
C GLU B 413 -14.71 20.68 11.10
N ILE B 414 -13.92 20.81 10.04
CA ILE B 414 -12.61 20.20 9.99
C ILE B 414 -11.65 21.32 10.31
N ILE B 415 -10.95 21.18 11.43
CA ILE B 415 -10.03 22.22 11.87
C ILE B 415 -8.59 21.77 11.68
N SER B 416 -7.77 22.64 11.11
CA SER B 416 -6.35 22.35 10.90
C SER B 416 -5.55 23.64 10.86
N GLY B 417 -4.23 23.51 10.69
CA GLY B 417 -3.32 24.65 10.62
C GLY B 417 -3.40 25.48 11.89
N GLU B 418 -3.32 26.80 11.71
CA GLU B 418 -3.29 27.75 12.83
C GLU B 418 -4.49 27.65 13.79
N LYS B 419 -5.70 27.43 13.26
CA LYS B 419 -6.92 27.42 14.10
C LYS B 419 -6.95 26.27 15.11
N LEU B 420 -6.29 25.17 14.76
CA LEU B 420 -6.32 23.96 15.57
C LEU B 420 -5.66 24.12 16.93
N PHE B 421 -4.49 24.75 16.92
CA PHE B 421 -3.61 24.79 18.08
C PHE B 421 -4.15 25.63 19.25
N LYS B 422 -5.05 26.55 18.95
CA LYS B 422 -5.69 27.33 20.00
C LYS B 422 -6.97 26.63 20.50
N GLU B 423 -7.03 25.32 20.33
CA GLU B 423 -8.12 24.51 20.91
C GLU B 423 -7.65 23.47 21.94
N PRO B 424 -8.55 22.99 22.82
CA PRO B 424 -8.12 22.24 24.01
C PRO B 424 -7.64 20.80 23.73
N VAL B 425 -6.91 20.61 22.64
CA VAL B 425 -6.52 19.27 22.21
C VAL B 425 -5.01 19.03 22.19
N THR B 426 -4.25 19.98 22.74
CA THR B 426 -2.77 19.98 22.68
C THR B 426 -2.17 18.79 23.43
N ALA B 427 -2.57 18.61 24.69
CA ALA B 427 -2.21 17.43 25.47
C ALA B 427 -2.29 16.14 24.63
N GLU B 428 -3.38 15.99 23.89
CA GLU B 428 -3.62 14.80 23.07
C GLU B 428 -2.75 14.73 21.84
N LEU B 429 -2.37 15.88 21.28
CA LEU B 429 -1.47 15.91 20.13
C LEU B 429 -0.08 15.45 20.53
N CYS B 430 0.45 15.98 21.64
CA CYS B 430 1.75 15.56 22.17
C CYS B 430 1.83 14.06 22.29
N GLU B 431 0.93 13.51 23.10
CA GLU B 431 0.86 12.09 23.33
C GLU B 431 0.88 11.33 22.01
N MET B 432 -0.02 11.72 21.12
CA MET B 432 -0.17 11.12 19.80
C MET B 432 1.11 11.23 18.96
N MET B 433 1.80 12.36 19.05
CA MET B 433 2.96 12.60 18.20
C MET B 433 4.28 12.18 18.82
N GLY B 434 4.22 11.63 20.03
CA GLY B 434 5.40 11.13 20.73
C GLY B 434 6.42 12.18 21.11
N VAL B 435 5.92 13.36 21.47
CA VAL B 435 6.76 14.50 21.82
C VAL B 435 7.49 14.32 23.16
N LYS B 436 8.69 14.89 23.23
CA LYS B 436 9.45 15.00 24.47
C LYS B 436 9.79 16.48 24.61
N ASP B 437 8.88 17.24 25.22
CA ASP B 437 8.93 18.73 25.26
C ASP B 437 8.47 19.34 23.91
#